data_3UQ9
#
_entry.id   3UQ9
#
_cell.length_a   59.556
_cell.length_b   180.509
_cell.length_c   78.552
_cell.angle_alpha   90.00
_cell.angle_beta   90.00
_cell.angle_gamma   90.00
#
_symmetry.space_group_name_H-M   'P 21 21 2'
#
loop_
_entity.id
_entity.type
_entity.pdbx_description
1 polymer 'Adenosine kinase, putative'
2 non-polymer "'2-(4-AMINO-PYRROLO[2,3-D]PYRIMIDIN-7-YL)-5-HYDROXYMETHYL-TETRAHYDRO-FURAN-3,4-DIOL"
3 non-polymer 'CHLORIDE ION'
4 water water
#
_entity_poly.entity_id   1
_entity_poly.type   'polypeptide(L)'
_entity_poly.pdbx_seq_one_letter_code
;MGSSHHHHHHSSGLVPRGSHMHDLSEGYVFGMGNPLLDIIVDADDFMYRKYNLKKDNIVLAEEKHMTIYDEIQKKKKLNY
IAGGATLNTVKMIQWIIQKPFVCSYVGCIGADIQGKYIKNDCSALDLVTEFQIAEEPLMTGKVAVLVSEKLRSMVTYLGA
ACDLSLAHIEQPHVWSLVEKAQVYYIAGFVINTCYEGMLKIAKHSLENEKLFCFNLSAPFLSQFNTKEVDEMISYSNIVF
GNESEAEAYGEVHGLLEDTVHATARYIADLPFADGKKRKRLVIITRGKNPLLYTDSSDSEIHQFMVEQFKDDQIIDTNGA
GDAFAAGFIADYIRGKPMITSLHAAVKAAAYIICRSGFSLGSRDSYSLKINK
;
_entity_poly.pdbx_strand_id   A,B
#
loop_
_chem_comp.id
_chem_comp.type
_chem_comp.name
_chem_comp.formula
CL non-polymer 'CHLORIDE ION' 'Cl -1'
TBN non-polymer '2-(4-AMINO-PYRROLO[2,3-D]PYRIMIDIN-7-YL)-5-HYDROXYMETHYL-TETRAHYDRO-FURAN-3,4-DIOL 'C11 H14 N4 O4'
#
# COMPACT_ATOMS: atom_id res chain seq x y z
N ASP A 23 5.69 -28.37 -4.44
CA ASP A 23 6.33 -27.13 -4.03
C ASP A 23 7.11 -26.48 -5.17
N LEU A 24 6.72 -25.27 -5.51
CA LEU A 24 7.28 -24.57 -6.66
C LEU A 24 8.50 -23.74 -6.27
N SER A 25 9.44 -23.60 -7.20
CA SER A 25 10.62 -22.80 -6.97
C SER A 25 10.31 -21.32 -7.11
N GLU A 26 11.20 -20.48 -6.59
CA GLU A 26 11.00 -19.03 -6.66
C GLU A 26 11.06 -18.55 -8.11
N GLY A 27 10.10 -17.71 -8.48
CA GLY A 27 10.05 -17.18 -9.83
C GLY A 27 9.53 -18.20 -10.84
N TYR A 28 8.82 -19.21 -10.35
CA TYR A 28 8.24 -20.23 -11.21
C TYR A 28 7.26 -19.64 -12.23
N VAL A 29 6.50 -18.63 -11.78
CA VAL A 29 5.52 -17.98 -12.63
C VAL A 29 5.96 -16.56 -12.96
N PHE A 30 5.93 -16.21 -14.24
CA PHE A 30 6.34 -14.89 -14.68
C PHE A 30 5.23 -14.21 -15.49
N GLY A 31 5.02 -12.93 -15.22
CA GLY A 31 4.11 -12.13 -16.01
C GLY A 31 4.72 -10.78 -16.35
N MET A 32 4.35 -10.24 -17.49
CA MET A 32 4.62 -8.83 -17.79
C MET A 32 3.31 -8.20 -18.24
N GLY A 33 3.11 -6.93 -17.93
CA GLY A 33 1.86 -6.28 -18.29
C GLY A 33 1.80 -4.79 -18.02
N ASN A 34 0.57 -4.29 -17.98
CA ASN A 34 0.34 -2.87 -17.74
C ASN A 34 -0.08 -2.63 -16.29
N PRO A 35 0.85 -2.10 -15.46
CA PRO A 35 0.48 -1.81 -14.08
C PRO A 35 -0.29 -0.50 -14.03
N LEU A 36 -1.55 -0.58 -13.63
CA LEU A 36 -2.43 0.58 -13.70
C LEU A 36 -3.15 0.80 -12.38
N LEU A 37 -3.59 2.03 -12.16
CA LEU A 37 -4.41 2.35 -11.01
C LEU A 37 -5.87 2.38 -11.41
N ASP A 38 -6.69 1.57 -10.75
CA ASP A 38 -8.13 1.66 -10.96
C ASP A 38 -8.72 2.79 -10.14
N ILE A 39 -9.51 3.64 -10.80
CA ILE A 39 -10.25 4.68 -10.10
C ILE A 39 -11.74 4.35 -10.25
N ILE A 40 -12.30 3.73 -9.21
CA ILE A 40 -13.67 3.25 -9.28
C ILE A 40 -14.68 4.26 -8.77
N VAL A 41 -15.60 4.66 -9.64
CA VAL A 41 -16.57 5.70 -9.32
C VAL A 41 -18.02 5.26 -9.62
N ASP A 42 -18.94 5.64 -8.73
CA ASP A 42 -20.36 5.55 -9.03
C ASP A 42 -20.73 6.64 -10.03
N ALA A 43 -20.83 6.25 -11.30
CA ALA A 43 -21.05 7.21 -12.38
C ALA A 43 -22.53 7.52 -12.60
N ASP A 44 -22.81 8.75 -13.00
CA ASP A 44 -24.15 9.14 -13.39
C ASP A 44 -24.43 8.59 -14.78
N ASP A 45 -25.70 8.51 -15.16
CA ASP A 45 -26.09 7.94 -16.44
C ASP A 45 -25.59 8.76 -17.63
N PHE A 46 -25.51 10.08 -17.47
CA PHE A 46 -25.11 10.93 -18.59
C PHE A 46 -23.68 10.63 -19.05
N MET A 47 -22.86 10.15 -18.13
CA MET A 47 -21.46 9.83 -18.40
C MET A 47 -21.31 8.82 -19.54
N TYR A 48 -22.21 7.85 -19.58
CA TYR A 48 -22.13 6.78 -20.55
C TYR A 48 -22.50 7.25 -21.95
N ARG A 49 -23.46 8.18 -22.02
CA ARG A 49 -23.86 8.79 -23.28
C ARG A 49 -22.82 9.82 -23.72
N LYS A 50 -22.32 10.59 -22.76
CA LYS A 50 -21.35 11.65 -23.04
C LYS A 50 -20.06 11.11 -23.65
N TYR A 51 -19.52 10.05 -23.07
CA TYR A 51 -18.27 9.48 -23.57
C TYR A 51 -18.51 8.27 -24.49
N ASN A 52 -19.75 8.08 -24.90
CA ASN A 52 -20.16 6.95 -25.74
C ASN A 52 -19.59 5.62 -25.25
N LEU A 53 -19.99 5.22 -24.04
CA LEU A 53 -19.45 4.00 -23.43
C LEU A 53 -20.45 2.86 -23.45
N LYS A 54 -19.98 1.69 -23.86
CA LYS A 54 -20.83 0.50 -23.98
C LYS A 54 -20.77 -0.34 -22.72
N LYS A 55 -21.75 -1.23 -22.57
CA LYS A 55 -21.83 -2.12 -21.42
C LYS A 55 -20.67 -3.10 -21.35
N ASP A 56 -20.04 -3.19 -20.17
CA ASP A 56 -18.94 -4.12 -19.93
C ASP A 56 -17.77 -3.96 -20.90
N ASN A 57 -17.64 -2.78 -21.48
CA ASN A 57 -16.63 -2.56 -22.50
C ASN A 57 -15.38 -1.86 -21.96
N ILE A 58 -14.29 -2.01 -22.70
CA ILE A 58 -13.03 -1.37 -22.36
C ILE A 58 -12.56 -0.57 -23.57
N VAL A 59 -12.18 0.68 -23.32
CA VAL A 59 -11.63 1.51 -24.39
C VAL A 59 -10.33 2.17 -23.95
N LEU A 60 -9.39 2.27 -24.88
CA LEU A 60 -8.19 3.04 -24.68
C LEU A 60 -8.56 4.50 -24.95
N ALA A 61 -8.29 5.38 -24.00
CA ALA A 61 -8.71 6.78 -24.12
C ALA A 61 -8.15 7.48 -25.35
N GLU A 62 -9.00 8.25 -26.01
CA GLU A 62 -8.58 9.17 -27.04
C GLU A 62 -8.80 10.56 -26.47
N GLU A 63 -8.53 11.60 -27.26
CA GLU A 63 -8.66 12.98 -26.77
C GLU A 63 -10.08 13.28 -26.27
N LYS A 64 -11.07 12.81 -27.00
CA LYS A 64 -12.47 13.02 -26.64
C LYS A 64 -12.83 12.42 -25.28
N HIS A 65 -12.02 11.47 -24.80
CA HIS A 65 -12.26 10.85 -23.51
C HIS A 65 -11.57 11.58 -22.35
N MET A 66 -10.54 12.36 -22.66
CA MET A 66 -9.61 12.85 -21.64
C MET A 66 -10.22 13.66 -20.49
N THR A 67 -11.34 14.31 -20.73
CA THR A 67 -11.99 15.10 -19.68
C THR A 67 -12.58 14.24 -18.58
N ILE A 68 -12.76 12.95 -18.85
CA ILE A 68 -13.39 12.05 -17.90
C ILE A 68 -12.64 12.00 -16.57
N TYR A 69 -11.31 12.05 -16.63
CA TYR A 69 -10.49 11.90 -15.44
C TYR A 69 -10.65 13.06 -14.46
N ASP A 70 -10.69 14.29 -14.97
CA ASP A 70 -10.93 15.43 -14.11
C ASP A 70 -12.40 15.46 -13.66
N GLU A 71 -13.28 14.97 -14.52
CA GLU A 71 -14.70 14.99 -14.23
C GLU A 71 -15.07 14.06 -13.07
N ILE A 72 -14.49 12.87 -13.06
CA ILE A 72 -14.78 11.93 -11.97
C ILE A 72 -14.10 12.33 -10.67
N GLN A 73 -13.04 13.11 -10.75
CA GLN A 73 -12.37 13.60 -9.54
C GLN A 73 -13.27 14.53 -8.73
N LYS A 74 -14.28 15.09 -9.40
CA LYS A 74 -15.24 15.97 -8.74
C LYS A 74 -16.17 15.17 -7.85
N LYS A 75 -16.34 13.89 -8.18
CA LYS A 75 -17.24 13.01 -7.45
C LYS A 75 -16.65 12.48 -6.16
N LYS A 76 -17.49 12.31 -5.15
CA LYS A 76 -17.08 11.75 -3.88
C LYS A 76 -17.00 10.23 -3.97
N LYS A 77 -16.57 9.59 -2.88
CA LYS A 77 -16.59 8.14 -2.75
C LYS A 77 -15.70 7.40 -3.76
N LEU A 78 -14.64 8.05 -4.21
CA LEU A 78 -13.73 7.42 -5.16
C LEU A 78 -12.93 6.32 -4.48
N ASN A 79 -12.78 5.19 -5.17
CA ASN A 79 -11.97 4.09 -4.67
C ASN A 79 -10.74 3.90 -5.55
N TYR A 80 -9.58 4.21 -5.00
CA TYR A 80 -8.32 4.03 -5.71
C TYR A 80 -7.72 2.69 -5.31
N ILE A 81 -7.53 1.80 -6.29
CA ILE A 81 -6.99 0.47 -6.01
C ILE A 81 -6.13 -0.04 -7.16
N ALA A 82 -5.01 -0.68 -6.84
CA ALA A 82 -4.12 -1.26 -7.84
C ALA A 82 -4.85 -2.15 -8.85
N GLY A 83 -4.51 -1.99 -10.12
CA GLY A 83 -5.15 -2.75 -11.18
C GLY A 83 -4.16 -3.27 -12.21
N GLY A 84 -4.65 -3.48 -13.43
CA GLY A 84 -3.83 -4.05 -14.49
C GLY A 84 -4.11 -5.54 -14.58
N ALA A 85 -4.62 -5.99 -15.73
CA ALA A 85 -5.08 -7.36 -15.89
C ALA A 85 -4.02 -8.39 -15.53
N THR A 86 -2.87 -8.33 -16.20
CA THR A 86 -1.80 -9.28 -15.96
C THR A 86 -1.37 -9.24 -14.49
N LEU A 87 -1.20 -8.04 -13.95
CA LEU A 87 -0.81 -7.86 -12.56
C LEU A 87 -1.82 -8.48 -11.58
N ASN A 88 -3.11 -8.24 -11.81
CA ASN A 88 -4.17 -8.82 -10.99
C ASN A 88 -4.05 -10.35 -10.91
N THR A 89 -3.89 -10.98 -12.07
CA THR A 89 -3.79 -12.42 -12.18
C THR A 89 -2.53 -12.97 -11.49
N VAL A 90 -1.37 -12.46 -11.88
CA VAL A 90 -0.12 -12.99 -11.36
C VAL A 90 0.02 -12.80 -9.84
N LYS A 91 -0.43 -11.67 -9.34
CA LYS A 91 -0.32 -11.44 -7.90
C LYS A 91 -1.35 -12.25 -7.11
N MET A 92 -2.45 -12.63 -7.75
CA MET A 92 -3.39 -13.51 -7.07
C MET A 92 -2.88 -14.95 -7.10
N ILE A 93 -2.17 -15.32 -8.16
CA ILE A 93 -1.49 -16.62 -8.16
C ILE A 93 -0.53 -16.67 -6.97
N GLN A 94 0.25 -15.61 -6.80
CA GLN A 94 1.16 -15.49 -5.69
C GLN A 94 0.42 -15.60 -4.36
N TRP A 95 -0.70 -14.91 -4.27
CA TRP A 95 -1.51 -14.88 -3.06
C TRP A 95 -2.07 -16.27 -2.74
N ILE A 96 -2.51 -16.98 -3.78
CA ILE A 96 -3.06 -18.32 -3.60
C ILE A 96 -2.02 -19.32 -3.12
N ILE A 97 -0.87 -19.32 -3.78
CA ILE A 97 0.19 -20.28 -3.50
C ILE A 97 0.84 -20.09 -2.13
N GLN A 98 0.84 -18.85 -1.64
CA GLN A 98 1.36 -18.50 -0.31
C GLN A 98 2.88 -18.60 -0.13
N LYS A 99 3.56 -19.31 -1.03
CA LYS A 99 5.01 -19.40 -0.97
C LYS A 99 5.64 -18.11 -1.52
N PRO A 100 6.40 -17.40 -0.67
CA PRO A 100 6.98 -16.11 -1.04
C PRO A 100 7.83 -16.18 -2.30
N PHE A 101 7.69 -15.16 -3.15
CA PHE A 101 8.56 -14.97 -4.32
C PHE A 101 8.40 -16.01 -5.41
N VAL A 102 7.31 -16.78 -5.36
CA VAL A 102 7.07 -17.76 -6.41
C VAL A 102 6.70 -17.05 -7.73
N CYS A 103 6.05 -15.90 -7.63
CA CYS A 103 5.66 -15.15 -8.81
C CYS A 103 6.52 -13.92 -9.04
N SER A 104 6.78 -13.61 -10.30
CA SER A 104 7.49 -12.39 -10.62
C SER A 104 6.78 -11.60 -11.71
N TYR A 105 6.87 -10.27 -11.63
CA TYR A 105 6.13 -9.39 -12.52
C TYR A 105 6.99 -8.24 -13.03
N VAL A 106 6.77 -7.87 -14.27
CA VAL A 106 7.50 -6.77 -14.90
C VAL A 106 6.52 -5.83 -15.58
N GLY A 107 6.63 -4.54 -15.26
CA GLY A 107 5.77 -3.55 -15.85
C GLY A 107 6.43 -2.19 -15.80
N CYS A 108 5.84 -1.21 -16.48
CA CYS A 108 6.35 0.15 -16.45
C CYS A 108 5.39 1.10 -15.73
N ILE A 109 5.87 1.67 -14.63
CA ILE A 109 5.12 2.68 -13.90
C ILE A 109 5.80 4.04 -14.07
N GLY A 110 5.20 5.09 -13.52
CA GLY A 110 5.80 6.41 -13.53
C GLY A 110 6.49 6.70 -12.20
N ALA A 111 7.25 7.78 -12.15
CA ALA A 111 7.92 8.19 -10.91
C ALA A 111 6.99 9.06 -10.09
N ASP A 112 5.83 8.51 -9.74
CA ASP A 112 4.83 9.25 -9.00
C ASP A 112 4.33 8.40 -7.82
N ILE A 113 3.46 8.99 -7.00
CA ILE A 113 2.98 8.29 -5.82
C ILE A 113 2.11 7.08 -6.17
N GLN A 114 1.40 7.15 -7.30
CA GLN A 114 0.55 6.05 -7.75
C GLN A 114 1.39 4.83 -8.09
N GLY A 115 2.51 5.07 -8.77
CA GLY A 115 3.42 4.01 -9.15
C GLY A 115 4.04 3.37 -7.92
N LYS A 116 4.37 4.18 -6.92
CA LYS A 116 4.98 3.68 -5.71
C LYS A 116 3.98 2.89 -4.89
N TYR A 117 2.74 3.38 -4.85
CA TYR A 117 1.65 2.65 -4.20
C TYR A 117 1.51 1.23 -4.79
N ILE A 118 1.49 1.15 -6.11
CA ILE A 118 1.38 -0.12 -6.82
C ILE A 118 2.58 -1.02 -6.50
N LYS A 119 3.77 -0.41 -6.49
CA LYS A 119 4.99 -1.15 -6.20
C LYS A 119 5.00 -1.70 -4.78
N ASN A 120 4.44 -0.93 -3.84
CA ASN A 120 4.33 -1.38 -2.46
C ASN A 120 3.24 -2.42 -2.26
N ASP A 121 2.21 -2.34 -3.11
CA ASP A 121 1.12 -3.31 -3.08
C ASP A 121 1.69 -4.67 -3.44
N CYS A 122 2.58 -4.69 -4.43
CA CYS A 122 3.21 -5.94 -4.87
C CYS A 122 4.12 -6.54 -3.80
N SER A 123 4.97 -5.71 -3.22
CA SER A 123 5.91 -6.15 -2.18
C SER A 123 5.18 -6.76 -0.99
N ALA A 124 4.05 -6.16 -0.64
CA ALA A 124 3.24 -6.66 0.47
C ALA A 124 2.76 -8.08 0.20
N LEU A 125 2.59 -8.43 -1.08
CA LEU A 125 2.11 -9.75 -1.45
C LEU A 125 3.23 -10.74 -1.68
N ASP A 126 4.46 -10.33 -1.43
CA ASP A 126 5.66 -11.15 -1.70
C ASP A 126 5.84 -11.45 -3.19
N LEU A 127 5.33 -10.55 -4.03
CA LEU A 127 5.52 -10.64 -5.46
C LEU A 127 6.83 -9.95 -5.86
N VAL A 128 7.76 -10.71 -6.42
CA VAL A 128 9.02 -10.14 -6.89
C VAL A 128 8.77 -9.32 -8.16
N THR A 129 9.16 -8.06 -8.16
CA THR A 129 8.94 -7.20 -9.31
C THR A 129 10.22 -6.57 -9.81
N GLU A 130 10.24 -6.21 -11.09
CA GLU A 130 11.28 -5.37 -11.65
C GLU A 130 10.62 -4.32 -12.51
N PHE A 131 10.07 -3.29 -11.87
CA PHE A 131 9.38 -2.25 -12.61
C PHE A 131 10.36 -1.41 -13.41
N GLN A 132 9.99 -1.10 -14.64
CA GLN A 132 10.67 -0.09 -15.41
C GLN A 132 10.03 1.23 -14.99
N ILE A 133 10.85 2.26 -14.79
CA ILE A 133 10.30 3.57 -14.44
C ILE A 133 10.37 4.49 -15.64
N ALA A 134 9.21 5.00 -16.06
CA ALA A 134 9.11 5.89 -17.20
C ALA A 134 9.71 7.25 -16.89
N GLU A 135 10.28 7.90 -17.91
CA GLU A 135 10.89 9.20 -17.72
C GLU A 135 9.83 10.24 -17.40
N GLU A 136 10.08 11.03 -16.37
CA GLU A 136 9.16 12.09 -15.97
C GLU A 136 8.98 13.07 -17.12
N PRO A 137 7.78 13.67 -17.24
CA PRO A 137 6.65 13.58 -16.32
C PRO A 137 5.57 12.59 -16.77
N LEU A 138 5.94 11.52 -17.46
CA LEU A 138 4.94 10.53 -17.87
C LEU A 138 4.47 9.77 -16.65
N MET A 139 3.17 9.88 -16.36
CA MET A 139 2.63 9.34 -15.13
C MET A 139 2.15 7.91 -15.29
N THR A 140 2.11 7.20 -14.16
CA THR A 140 1.59 5.84 -14.11
C THR A 140 0.21 5.80 -14.74
N GLY A 141 -0.05 4.77 -15.54
CA GLY A 141 -1.34 4.63 -16.19
C GLY A 141 -2.48 4.48 -15.22
N LYS A 142 -3.69 4.76 -15.67
CA LYS A 142 -4.87 4.68 -14.83
C LYS A 142 -6.09 4.21 -15.61
N VAL A 143 -7.04 3.60 -14.91
CA VAL A 143 -8.28 3.17 -15.51
C VAL A 143 -9.46 3.79 -14.80
N ALA A 144 -10.26 4.58 -15.50
CA ALA A 144 -11.51 5.09 -14.94
C ALA A 144 -12.56 3.98 -15.02
N VAL A 145 -12.97 3.48 -13.87
CA VAL A 145 -13.98 2.43 -13.83
C VAL A 145 -15.32 3.02 -13.43
N LEU A 146 -16.22 3.10 -14.40
CA LEU A 146 -17.51 3.75 -14.18
C LEU A 146 -18.57 2.74 -13.80
N VAL A 147 -18.99 2.78 -12.55
CA VAL A 147 -19.94 1.80 -12.04
C VAL A 147 -21.32 2.38 -11.88
N SER A 148 -22.31 1.76 -12.51
CA SER A 148 -23.70 2.11 -12.28
C SER A 148 -24.55 0.84 -12.32
N GLU A 149 -25.81 0.97 -11.91
CA GLU A 149 -26.73 -0.15 -11.88
C GLU A 149 -26.87 -0.81 -13.25
N LYS A 150 -27.08 0.01 -14.28
CA LYS A 150 -27.32 -0.49 -15.63
C LYS A 150 -26.04 -0.83 -16.39
N LEU A 151 -25.02 0.00 -16.24
CA LEU A 151 -23.82 -0.12 -17.07
C LEU A 151 -22.52 -0.15 -16.26
N ARG A 152 -21.60 -0.99 -16.70
CA ARG A 152 -20.23 -1.00 -16.21
C ARG A 152 -19.34 -0.71 -17.40
N SER A 153 -18.38 0.20 -17.23
CA SER A 153 -17.54 0.59 -18.34
C SER A 153 -16.18 1.11 -17.88
N MET A 154 -15.15 0.87 -18.69
CA MET A 154 -13.79 1.26 -18.32
C MET A 154 -13.13 2.11 -19.41
N VAL A 155 -12.50 3.20 -18.99
CA VAL A 155 -11.72 4.05 -19.89
C VAL A 155 -10.26 4.04 -19.44
N THR A 156 -9.39 3.58 -20.32
CA THR A 156 -7.99 3.33 -19.97
C THR A 156 -7.03 4.38 -20.51
N TYR A 157 -6.25 4.98 -19.60
CA TYR A 157 -5.13 5.81 -20.00
C TYR A 157 -3.85 5.05 -19.66
N LEU A 158 -3.23 4.46 -20.66
CA LEU A 158 -2.09 3.58 -20.41
C LEU A 158 -0.91 4.30 -19.78
N GLY A 159 -0.72 5.56 -20.16
CA GLY A 159 0.36 6.38 -19.64
C GLY A 159 1.71 5.68 -19.65
N ALA A 160 2.35 5.62 -18.47
CA ALA A 160 3.68 5.04 -18.33
C ALA A 160 3.78 3.60 -18.82
N ALA A 161 2.67 2.87 -18.80
CA ALA A 161 2.66 1.48 -19.23
C ALA A 161 3.16 1.30 -20.67
N CYS A 162 2.98 2.31 -21.50
CA CYS A 162 3.39 2.24 -22.90
C CYS A 162 4.90 2.18 -23.08
N ASP A 163 5.63 2.71 -22.10
CA ASP A 163 7.09 2.83 -22.19
C ASP A 163 7.84 1.55 -21.85
N LEU A 164 7.13 0.50 -21.43
CA LEU A 164 7.73 -0.80 -21.22
C LEU A 164 8.44 -1.22 -22.50
N SER A 165 9.75 -1.46 -22.40
CA SER A 165 10.57 -1.66 -23.58
C SER A 165 11.26 -3.01 -23.58
N LEU A 166 11.64 -3.46 -24.77
CA LEU A 166 12.37 -4.70 -24.92
C LEU A 166 13.72 -4.58 -24.20
N ALA A 167 14.30 -3.39 -24.23
CA ALA A 167 15.57 -3.14 -23.56
C ALA A 167 15.49 -3.45 -22.07
N HIS A 168 14.45 -2.96 -21.40
CA HIS A 168 14.29 -3.19 -19.98
C HIS A 168 14.22 -4.68 -19.69
N ILE A 169 13.43 -5.37 -20.51
CA ILE A 169 13.25 -6.81 -20.38
C ILE A 169 14.54 -7.60 -20.64
N GLU A 170 15.33 -7.14 -21.60
CA GLU A 170 16.54 -7.85 -22.00
C GLU A 170 17.73 -7.64 -21.07
N GLN A 171 17.58 -6.73 -20.10
CA GLN A 171 18.56 -6.58 -19.03
C GLN A 171 18.76 -7.91 -18.32
N PRO A 172 20.02 -8.25 -18.00
CA PRO A 172 20.37 -9.52 -17.37
C PRO A 172 19.58 -9.81 -16.09
N HIS A 173 19.47 -8.83 -15.19
CA HIS A 173 18.76 -9.03 -13.93
C HIS A 173 17.25 -9.17 -14.13
N VAL A 174 16.75 -8.70 -15.27
CA VAL A 174 15.34 -8.87 -15.59
C VAL A 174 15.11 -10.17 -16.37
N TRP A 175 15.91 -10.38 -17.41
CA TRP A 175 15.74 -11.55 -18.25
C TRP A 175 15.95 -12.86 -17.48
N SER A 176 16.71 -12.80 -16.40
CA SER A 176 16.95 -13.98 -15.57
C SER A 176 15.67 -14.47 -14.91
N LEU A 177 14.72 -13.55 -14.68
CA LEU A 177 13.42 -13.91 -14.12
C LEU A 177 12.65 -14.75 -15.12
N VAL A 178 12.78 -14.40 -16.39
CA VAL A 178 12.11 -15.12 -17.47
C VAL A 178 12.68 -16.52 -17.62
N GLU A 179 14.01 -16.61 -17.57
CA GLU A 179 14.71 -17.87 -17.82
C GLU A 179 14.42 -18.91 -16.74
N LYS A 180 14.27 -18.48 -15.50
CA LYS A 180 14.00 -19.43 -14.42
C LYS A 180 12.51 -19.74 -14.32
N ALA A 181 11.68 -18.90 -14.97
CA ALA A 181 10.23 -19.15 -15.00
C ALA A 181 9.90 -20.41 -15.80
N GLN A 182 8.89 -21.14 -15.37
CA GLN A 182 8.42 -22.31 -16.10
C GLN A 182 7.02 -22.08 -16.62
N VAL A 183 6.39 -21.01 -16.12
CA VAL A 183 5.03 -20.66 -16.48
C VAL A 183 4.96 -19.15 -16.78
N TYR A 184 4.23 -18.79 -17.82
CA TYR A 184 4.04 -17.38 -18.17
C TYR A 184 2.58 -17.02 -18.25
N TYR A 185 2.25 -15.82 -17.78
CA TYR A 185 0.93 -15.26 -18.01
C TYR A 185 1.06 -13.83 -18.54
N ILE A 186 0.60 -13.61 -19.76
CA ILE A 186 0.56 -12.27 -20.35
C ILE A 186 -0.80 -12.01 -20.99
N ALA A 187 -1.48 -10.96 -20.54
CA ALA A 187 -2.78 -10.58 -21.10
C ALA A 187 -2.63 -9.92 -22.46
N GLY A 188 -3.65 -10.11 -23.31
CA GLY A 188 -3.65 -9.52 -24.64
C GLY A 188 -3.41 -8.02 -24.61
N PHE A 189 -3.82 -7.38 -23.51
CA PHE A 189 -3.64 -5.94 -23.32
C PHE A 189 -2.21 -5.45 -23.56
N VAL A 190 -1.23 -6.34 -23.43
CA VAL A 190 0.17 -5.96 -23.53
C VAL A 190 0.60 -5.77 -25.00
N ILE A 191 -0.27 -6.18 -25.91
CA ILE A 191 -0.07 -5.94 -27.34
C ILE A 191 0.05 -4.45 -27.64
N ASN A 192 -0.72 -3.63 -26.91
CA ASN A 192 -0.73 -2.18 -27.13
C ASN A 192 0.47 -1.44 -26.52
N THR A 193 1.22 -2.13 -25.67
CA THR A 193 2.29 -1.47 -24.92
C THR A 193 3.68 -2.02 -25.22
N CYS A 194 3.81 -3.34 -25.30
CA CYS A 194 5.11 -3.93 -25.58
C CYS A 194 4.99 -5.29 -26.25
N TYR A 195 4.57 -5.29 -27.52
CA TYR A 195 4.34 -6.54 -28.22
C TYR A 195 5.63 -7.29 -28.45
N GLU A 196 6.69 -6.53 -28.70
CA GLU A 196 8.01 -7.09 -28.97
C GLU A 196 8.53 -7.88 -27.76
N GLY A 197 8.24 -7.37 -26.56
CA GLY A 197 8.62 -8.06 -25.35
C GLY A 197 7.85 -9.35 -25.15
N MET A 198 6.53 -9.28 -25.26
CA MET A 198 5.69 -10.46 -25.05
C MET A 198 5.94 -11.52 -26.14
N LEU A 199 6.23 -11.07 -27.35
CA LEU A 199 6.59 -11.98 -28.43
C LEU A 199 7.90 -12.72 -28.13
N LYS A 200 8.90 -11.97 -27.67
CA LYS A 200 10.19 -12.56 -27.34
C LYS A 200 10.06 -13.62 -26.26
N ILE A 201 9.29 -13.31 -25.22
CA ILE A 201 9.08 -14.24 -24.12
C ILE A 201 8.30 -15.47 -24.56
N ALA A 202 7.28 -15.26 -25.39
CA ALA A 202 6.50 -16.35 -25.96
C ALA A 202 7.35 -17.31 -26.81
N LYS A 203 8.27 -16.75 -27.60
CA LYS A 203 9.19 -17.57 -28.38
C LYS A 203 10.13 -18.36 -27.50
N HIS A 204 10.60 -17.73 -26.42
CA HIS A 204 11.45 -18.39 -25.42
C HIS A 204 10.72 -19.56 -24.78
N SER A 205 9.49 -19.30 -24.35
CA SER A 205 8.63 -20.30 -23.73
C SER A 205 8.41 -21.53 -24.60
N LEU A 206 8.05 -21.31 -25.87
CA LEU A 206 7.78 -22.44 -26.77
C LEU A 206 9.07 -23.17 -27.10
N GLU A 207 10.17 -22.44 -27.13
CA GLU A 207 11.49 -23.00 -27.43
C GLU A 207 11.96 -23.93 -26.31
N ASN A 208 11.64 -23.58 -25.06
CA ASN A 208 12.04 -24.39 -23.91
C ASN A 208 10.91 -25.26 -23.36
N GLU A 209 9.85 -25.42 -24.15
CA GLU A 209 8.69 -26.24 -23.79
C GLU A 209 8.09 -25.85 -22.44
N LYS A 210 7.95 -24.56 -22.21
CA LYS A 210 7.36 -24.06 -21.00
C LYS A 210 5.87 -23.83 -21.19
N LEU A 211 5.19 -23.41 -20.14
CA LEU A 211 3.75 -23.19 -20.21
C LEU A 211 3.43 -21.71 -20.38
N PHE A 212 2.95 -21.34 -21.57
CA PHE A 212 2.62 -19.96 -21.83
C PHE A 212 1.10 -19.77 -21.83
N CYS A 213 0.62 -18.92 -20.92
CA CYS A 213 -0.81 -18.67 -20.79
C CYS A 213 -1.17 -17.28 -21.31
N PHE A 214 -2.21 -17.20 -22.14
CA PHE A 214 -2.57 -15.97 -22.83
C PHE A 214 -4.06 -15.66 -22.60
N ASN A 215 -4.38 -14.38 -22.44
CA ASN A 215 -5.77 -13.95 -22.29
C ASN A 215 -6.18 -13.06 -23.45
N LEU A 216 -7.36 -13.32 -24.01
CA LEU A 216 -7.89 -12.51 -25.10
C LEU A 216 -8.21 -11.07 -24.66
N SER A 217 -8.50 -10.91 -23.37
CA SER A 217 -8.57 -9.60 -22.70
C SER A 217 -9.71 -8.65 -23.09
N ALA A 218 -9.90 -8.41 -24.39
CA ALA A 218 -10.95 -7.48 -24.82
C ALA A 218 -11.30 -7.66 -26.28
N PRO A 219 -12.58 -7.45 -26.62
CA PRO A 219 -13.04 -7.56 -28.02
C PRO A 219 -12.21 -6.73 -29.01
N PHE A 220 -11.77 -5.54 -28.62
CA PHE A 220 -11.09 -4.66 -29.58
C PHE A 220 -9.75 -5.23 -30.06
N LEU A 221 -9.13 -6.05 -29.22
CA LEU A 221 -7.84 -6.65 -29.55
C LEU A 221 -7.96 -7.65 -30.70
N SER A 222 -9.03 -8.43 -30.71
CA SER A 222 -9.24 -9.37 -31.79
C SER A 222 -9.68 -8.67 -33.08
N GLN A 223 -10.31 -7.51 -32.94
CA GLN A 223 -10.78 -6.76 -34.11
C GLN A 223 -9.67 -5.94 -34.74
N PHE A 224 -8.87 -5.28 -33.91
CA PHE A 224 -7.89 -4.31 -34.39
C PHE A 224 -6.45 -4.79 -34.27
N ASN A 225 -6.21 -5.85 -33.50
CA ASN A 225 -4.88 -6.42 -33.40
C ASN A 225 -4.93 -7.91 -33.62
N THR A 226 -5.66 -8.31 -34.66
CA THR A 226 -5.89 -9.71 -34.98
C THR A 226 -4.59 -10.46 -35.20
N LYS A 227 -3.67 -9.85 -35.95
CA LYS A 227 -2.40 -10.52 -36.23
C LYS A 227 -1.64 -10.86 -34.95
N GLU A 228 -1.58 -9.89 -34.04
CA GLU A 228 -0.85 -10.10 -32.79
C GLU A 228 -1.52 -11.14 -31.92
N VAL A 229 -2.85 -11.13 -31.91
CA VAL A 229 -3.60 -12.11 -31.13
C VAL A 229 -3.32 -13.52 -31.68
N ASP A 230 -3.49 -13.68 -32.98
CA ASP A 230 -3.28 -14.98 -33.60
C ASP A 230 -1.84 -15.45 -33.48
N GLU A 231 -0.90 -14.52 -33.60
CA GLU A 231 0.52 -14.85 -33.42
C GLU A 231 0.80 -15.33 -32.00
N MET A 232 0.28 -14.61 -31.00
CA MET A 232 0.42 -15.04 -29.61
C MET A 232 -0.20 -16.42 -29.38
N ILE A 233 -1.38 -16.65 -29.97
CA ILE A 233 -2.04 -17.94 -29.82
C ILE A 233 -1.14 -19.08 -30.30
N SER A 234 -0.33 -18.81 -31.31
CA SER A 234 0.53 -19.84 -31.88
C SER A 234 1.68 -20.22 -30.95
N TYR A 235 1.82 -19.48 -29.85
CA TYR A 235 2.84 -19.78 -28.84
C TYR A 235 2.20 -20.18 -27.51
N SER A 236 0.88 -20.12 -27.45
CA SER A 236 0.16 -20.28 -26.20
C SER A 236 -0.30 -21.72 -25.96
N ASN A 237 0.03 -22.25 -24.79
CA ASN A 237 -0.42 -23.57 -24.41
C ASN A 237 -1.83 -23.53 -23.82
N ILE A 238 -2.15 -22.41 -23.17
CA ILE A 238 -3.46 -22.20 -22.60
C ILE A 238 -3.99 -20.82 -22.97
N VAL A 239 -5.18 -20.77 -23.55
CA VAL A 239 -5.79 -19.49 -23.91
C VAL A 239 -7.10 -19.27 -23.17
N PHE A 240 -7.19 -18.14 -22.48
CA PHE A 240 -8.38 -17.76 -21.73
C PHE A 240 -9.17 -16.72 -22.50
N GLY A 241 -10.49 -16.85 -22.49
CA GLY A 241 -11.34 -15.86 -23.14
C GLY A 241 -12.69 -15.79 -22.48
N ASN A 242 -13.48 -14.80 -22.87
CA ASN A 242 -14.89 -14.76 -22.46
C ASN A 242 -15.79 -14.74 -23.68
N GLU A 243 -17.10 -14.77 -23.47
CA GLU A 243 -18.05 -14.85 -24.57
C GLU A 243 -17.92 -13.68 -25.55
N SER A 244 -17.76 -12.48 -24.99
CA SER A 244 -17.70 -11.28 -25.80
C SER A 244 -16.51 -11.29 -26.76
N GLU A 245 -15.34 -11.64 -26.23
CA GLU A 245 -14.12 -11.76 -27.02
C GLU A 245 -14.22 -12.86 -28.07
N ALA A 246 -14.83 -13.97 -27.69
CA ALA A 246 -14.98 -15.10 -28.61
C ALA A 246 -15.84 -14.74 -29.82
N GLU A 247 -16.87 -13.92 -29.57
CA GLU A 247 -17.72 -13.45 -30.65
C GLU A 247 -17.00 -12.48 -31.58
N ALA A 248 -16.28 -11.52 -31.00
CA ALA A 248 -15.51 -10.57 -31.81
C ALA A 248 -14.45 -11.31 -32.62
N TYR A 249 -13.77 -12.24 -31.98
CA TYR A 249 -12.75 -13.06 -32.65
C TYR A 249 -13.37 -13.87 -33.80
N GLY A 250 -14.53 -14.46 -33.53
CA GLY A 250 -15.18 -15.32 -34.50
C GLY A 250 -15.65 -14.57 -35.74
N GLU A 251 -16.18 -13.38 -35.53
CA GLU A 251 -16.65 -12.58 -36.66
C GLU A 251 -15.48 -12.22 -37.56
N VAL A 252 -14.39 -11.76 -36.96
CA VAL A 252 -13.19 -11.35 -37.68
C VAL A 252 -12.63 -12.50 -38.52
N HIS A 253 -12.77 -13.73 -38.02
CA HIS A 253 -12.24 -14.89 -38.74
C HIS A 253 -13.27 -15.57 -39.63
N GLY A 254 -14.42 -14.93 -39.81
CA GLY A 254 -15.46 -15.49 -40.66
C GLY A 254 -16.15 -16.72 -40.10
N LEU A 255 -16.22 -16.83 -38.77
CA LEU A 255 -16.97 -17.89 -38.11
C LEU A 255 -18.38 -17.40 -37.80
N LEU A 256 -19.26 -17.47 -38.79
CA LEU A 256 -20.59 -16.88 -38.70
C LEU A 256 -21.60 -17.76 -37.96
N GLU A 257 -21.41 -19.07 -38.02
CA GLU A 257 -22.32 -20.00 -37.36
C GLU A 257 -21.70 -20.60 -36.11
N ASP A 258 -22.47 -20.62 -35.02
CA ASP A 258 -22.04 -21.21 -33.75
C ASP A 258 -20.75 -20.54 -33.27
N THR A 259 -20.74 -19.21 -33.32
CA THR A 259 -19.52 -18.42 -33.20
C THR A 259 -18.64 -18.76 -31.99
N VAL A 260 -19.22 -18.77 -30.80
CA VAL A 260 -18.45 -19.02 -29.58
C VAL A 260 -17.82 -20.41 -29.59
N HIS A 261 -18.62 -21.44 -29.83
CA HIS A 261 -18.09 -22.79 -29.97
C HIS A 261 -17.09 -22.89 -31.11
N ALA A 262 -17.43 -22.28 -32.24
CA ALA A 262 -16.55 -22.30 -33.40
C ALA A 262 -15.20 -21.67 -33.07
N THR A 263 -15.25 -20.59 -32.28
CA THR A 263 -14.04 -19.87 -31.91
C THR A 263 -13.14 -20.71 -31.00
N ALA A 264 -13.75 -21.40 -30.04
CA ALA A 264 -13.00 -22.27 -29.13
C ALA A 264 -12.29 -23.35 -29.92
N ARG A 265 -13.01 -23.99 -30.84
CA ARG A 265 -12.45 -25.01 -31.70
C ARG A 265 -11.33 -24.44 -32.57
N TYR A 266 -11.60 -23.31 -33.22
CA TYR A 266 -10.64 -22.67 -34.10
C TYR A 266 -9.33 -22.35 -33.36
N ILE A 267 -9.44 -21.67 -32.24
CA ILE A 267 -8.28 -21.26 -31.45
C ILE A 267 -7.49 -22.46 -30.94
N ALA A 268 -8.20 -23.46 -30.44
CA ALA A 268 -7.59 -24.71 -29.99
C ALA A 268 -6.81 -25.40 -31.12
N ASP A 269 -7.37 -25.35 -32.33
CA ASP A 269 -6.82 -26.10 -33.48
C ASP A 269 -5.74 -25.36 -34.26
N LEU A 270 -5.54 -24.08 -33.94
CA LEU A 270 -4.55 -23.26 -34.63
C LEU A 270 -3.15 -23.86 -34.45
N PRO A 271 -2.37 -23.95 -35.54
CA PRO A 271 -1.04 -24.56 -35.44
C PRO A 271 -0.12 -23.78 -34.52
N PHE A 272 0.81 -24.46 -33.85
CA PHE A 272 1.84 -23.77 -33.09
C PHE A 272 2.88 -23.20 -34.04
N ALA A 273 3.63 -22.20 -33.57
CA ALA A 273 4.60 -21.50 -34.41
C ALA A 273 5.66 -22.41 -35.04
N ASP A 274 6.07 -23.45 -34.33
CA ASP A 274 7.07 -24.38 -34.88
C ASP A 274 6.44 -25.54 -35.64
N GLY A 275 5.11 -25.53 -35.74
CA GLY A 275 4.40 -26.55 -36.50
C GLY A 275 4.41 -27.92 -35.84
N LYS A 276 4.87 -27.99 -34.61
CA LYS A 276 4.89 -29.25 -33.87
C LYS A 276 3.51 -29.56 -33.27
N LYS A 277 3.21 -30.84 -33.13
CA LYS A 277 1.94 -31.28 -32.56
C LYS A 277 1.99 -31.11 -31.06
N ARG A 278 1.07 -30.30 -30.53
CA ARG A 278 1.06 -29.98 -29.12
C ARG A 278 -0.37 -29.74 -28.68
N LYS A 279 -0.63 -29.88 -27.38
CA LYS A 279 -1.97 -29.70 -26.85
C LYS A 279 -2.16 -28.25 -26.38
N ARG A 280 -3.10 -27.55 -27.01
CA ARG A 280 -3.45 -26.22 -26.53
C ARG A 280 -4.83 -26.23 -25.89
N LEU A 281 -4.88 -25.84 -24.62
CA LEU A 281 -6.13 -25.80 -23.88
C LEU A 281 -6.79 -24.43 -24.09
N VAL A 282 -8.10 -24.44 -24.33
CA VAL A 282 -8.84 -23.18 -24.48
C VAL A 282 -10.06 -23.14 -23.56
N ILE A 283 -10.15 -22.07 -22.78
CA ILE A 283 -11.27 -21.88 -21.86
C ILE A 283 -11.99 -20.57 -22.13
N ILE A 284 -13.29 -20.65 -22.39
CA ILE A 284 -14.10 -19.49 -22.68
C ILE A 284 -15.17 -19.33 -21.61
N THR A 285 -15.04 -18.31 -20.77
CA THR A 285 -16.02 -18.08 -19.71
C THR A 285 -17.25 -17.36 -20.24
N ARG A 286 -18.39 -17.56 -19.59
CA ARG A 286 -19.67 -17.06 -20.10
C ARG A 286 -20.52 -16.45 -19.00
N GLY A 287 -19.87 -15.70 -18.11
CA GLY A 287 -20.57 -15.07 -16.99
C GLY A 287 -21.17 -16.07 -16.02
N LYS A 288 -22.46 -15.92 -15.75
CA LYS A 288 -23.17 -16.81 -14.84
C LYS A 288 -23.50 -18.15 -15.51
N ASN A 289 -23.44 -18.16 -16.83
CA ASN A 289 -23.74 -19.36 -17.61
C ASN A 289 -22.52 -20.26 -17.69
N PRO A 290 -22.72 -21.56 -17.96
CA PRO A 290 -21.59 -22.51 -18.02
C PRO A 290 -20.45 -22.05 -18.93
N LEU A 291 -19.21 -22.24 -18.49
CA LEU A 291 -18.06 -21.91 -19.31
C LEU A 291 -17.79 -23.05 -20.28
N LEU A 292 -17.09 -22.75 -21.37
CA LEU A 292 -16.73 -23.77 -22.34
C LEU A 292 -15.23 -24.07 -22.28
N TYR A 293 -14.87 -25.32 -22.49
CA TYR A 293 -13.45 -25.66 -22.62
C TYR A 293 -13.24 -26.82 -23.58
N THR A 294 -12.04 -26.85 -24.17
CA THR A 294 -11.63 -27.92 -25.06
C THR A 294 -10.12 -27.80 -25.25
N ASP A 295 -9.55 -28.75 -25.98
CA ASP A 295 -8.16 -28.67 -26.37
C ASP A 295 -7.97 -29.27 -27.76
N SER A 296 -6.75 -29.17 -28.28
CA SER A 296 -6.42 -29.57 -29.65
C SER A 296 -6.74 -31.03 -29.95
N SER A 297 -6.58 -31.89 -28.95
CA SER A 297 -6.72 -33.32 -29.13
C SER A 297 -8.15 -33.78 -28.85
N ASP A 298 -8.96 -32.85 -28.36
CA ASP A 298 -10.33 -33.15 -28.00
C ASP A 298 -11.25 -32.72 -29.14
N SER A 299 -12.09 -33.64 -29.60
CA SER A 299 -13.01 -33.34 -30.70
C SER A 299 -14.24 -32.62 -30.19
N GLU A 300 -14.42 -32.60 -28.87
CA GLU A 300 -15.62 -32.04 -28.27
C GLU A 300 -15.36 -30.78 -27.45
N ILE A 301 -16.42 -29.99 -27.26
CA ILE A 301 -16.36 -28.83 -26.39
C ILE A 301 -17.26 -29.09 -25.18
N HIS A 302 -16.71 -28.89 -23.99
CA HIS A 302 -17.42 -29.25 -22.77
C HIS A 302 -18.00 -28.03 -22.07
N GLN A 303 -19.14 -28.23 -21.40
CA GLN A 303 -19.72 -27.19 -20.55
C GLN A 303 -19.35 -27.47 -19.11
N PHE A 304 -19.06 -26.40 -18.36
CA PHE A 304 -18.77 -26.51 -16.95
C PHE A 304 -19.59 -25.48 -16.20
N MET A 305 -20.47 -25.95 -15.33
CA MET A 305 -21.34 -25.07 -14.58
C MET A 305 -20.57 -24.31 -13.52
N VAL A 306 -20.95 -23.06 -13.30
CA VAL A 306 -20.27 -22.22 -12.32
C VAL A 306 -21.18 -21.87 -11.13
N GLU A 307 -20.61 -21.18 -10.15
CA GLU A 307 -21.35 -20.78 -8.95
C GLU A 307 -22.53 -19.87 -9.28
N GLN A 308 -23.65 -20.09 -8.60
CA GLN A 308 -24.83 -19.25 -8.78
C GLN A 308 -24.85 -18.14 -7.72
N PHE A 309 -25.21 -16.93 -8.13
CA PHE A 309 -25.26 -15.79 -7.23
C PHE A 309 -26.62 -15.13 -7.22
N LYS A 310 -27.11 -14.77 -6.03
CA LYS A 310 -28.30 -13.93 -5.94
C LYS A 310 -27.86 -12.52 -6.28
N ASP A 311 -28.79 -11.67 -6.69
CA ASP A 311 -28.44 -10.31 -7.13
C ASP A 311 -27.67 -9.52 -6.07
N ASP A 312 -28.08 -9.66 -4.81
CA ASP A 312 -27.47 -8.91 -3.72
C ASP A 312 -26.11 -9.47 -3.27
N GLN A 313 -25.76 -10.65 -3.76
CA GLN A 313 -24.45 -11.25 -3.46
C GLN A 313 -23.37 -10.68 -4.36
N ILE A 314 -23.77 -10.23 -5.55
CA ILE A 314 -22.83 -9.66 -6.52
C ILE A 314 -22.49 -8.23 -6.15
N ILE A 315 -21.27 -8.02 -5.70
CA ILE A 315 -20.79 -6.72 -5.25
C ILE A 315 -20.12 -5.97 -6.40
N ASP A 316 -19.19 -6.65 -7.07
CA ASP A 316 -18.44 -6.05 -8.17
C ASP A 316 -17.69 -7.14 -8.93
N THR A 317 -18.13 -7.40 -10.16
CA THR A 317 -17.56 -8.48 -10.96
C THR A 317 -16.28 -8.08 -11.68
N ASN A 318 -15.90 -6.83 -11.54
CA ASN A 318 -14.68 -6.35 -12.19
C ASN A 318 -13.46 -7.14 -11.73
N GLY A 319 -12.70 -7.66 -12.68
CA GLY A 319 -11.52 -8.45 -12.35
C GLY A 319 -11.81 -9.93 -12.17
N ALA A 320 -13.08 -10.32 -12.31
CA ALA A 320 -13.47 -11.72 -12.18
C ALA A 320 -12.69 -12.60 -13.14
N GLY A 321 -12.49 -12.11 -14.36
CA GLY A 321 -11.76 -12.85 -15.37
C GLY A 321 -10.31 -13.02 -14.97
N ASP A 322 -9.74 -11.97 -14.40
CA ASP A 322 -8.35 -12.00 -13.96
C ASP A 322 -8.18 -13.03 -12.85
N ALA A 323 -9.14 -13.08 -11.95
CA ALA A 323 -9.12 -14.00 -10.84
C ALA A 323 -9.32 -15.43 -11.33
N PHE A 324 -10.22 -15.59 -12.29
CA PHE A 324 -10.51 -16.90 -12.85
C PHE A 324 -9.22 -17.53 -13.34
N ALA A 325 -8.50 -16.79 -14.17
CA ALA A 325 -7.23 -17.25 -14.72
C ALA A 325 -6.23 -17.61 -13.63
N ALA A 326 -6.07 -16.72 -12.65
CA ALA A 326 -5.18 -16.98 -11.52
C ALA A 326 -5.57 -18.26 -10.78
N GLY A 327 -6.86 -18.41 -10.52
CA GLY A 327 -7.35 -19.61 -9.85
C GLY A 327 -7.04 -20.89 -10.60
N PHE A 328 -7.25 -20.87 -11.92
CA PHE A 328 -7.00 -22.05 -12.73
C PHE A 328 -5.52 -22.40 -12.76
N ILE A 329 -4.70 -21.42 -13.07
CA ILE A 329 -3.26 -21.60 -13.21
C ILE A 329 -2.61 -22.07 -11.92
N ALA A 330 -2.95 -21.43 -10.81
CA ALA A 330 -2.36 -21.77 -9.51
C ALA A 330 -2.56 -23.22 -9.16
N ASP A 331 -3.68 -23.81 -9.59
CA ASP A 331 -3.95 -25.21 -9.30
C ASP A 331 -3.40 -26.13 -10.37
N TYR A 332 -3.55 -25.70 -11.62
CA TYR A 332 -3.13 -26.50 -12.76
C TYR A 332 -1.62 -26.77 -12.76
N ILE A 333 -0.83 -25.76 -12.40
CA ILE A 333 0.62 -25.90 -12.42
C ILE A 333 1.15 -26.69 -11.23
N ARG A 334 0.26 -27.03 -10.30
CA ARG A 334 0.64 -27.91 -9.19
C ARG A 334 0.09 -29.32 -9.39
N GLY A 335 -0.41 -29.60 -10.58
CA GLY A 335 -0.76 -30.95 -10.96
C GLY A 335 -2.18 -31.37 -10.71
N LYS A 336 -3.02 -30.44 -10.26
CA LYS A 336 -4.44 -30.73 -10.07
C LYS A 336 -5.08 -30.98 -11.43
N PRO A 337 -6.00 -31.96 -11.52
CA PRO A 337 -6.66 -32.26 -12.79
C PRO A 337 -7.53 -31.11 -13.29
N MET A 338 -7.93 -31.20 -14.55
CA MET A 338 -8.70 -30.16 -15.23
C MET A 338 -9.91 -29.66 -14.44
N ILE A 339 -10.83 -30.58 -14.10
CA ILE A 339 -12.04 -30.23 -13.37
C ILE A 339 -11.74 -29.58 -12.03
N THR A 340 -10.82 -30.18 -11.27
CA THR A 340 -10.38 -29.60 -10.01
C THR A 340 -9.89 -28.16 -10.21
N SER A 341 -9.10 -27.95 -11.26
CA SER A 341 -8.56 -26.63 -11.57
C SER A 341 -9.65 -25.62 -11.95
N LEU A 342 -10.65 -26.09 -12.69
CA LEU A 342 -11.79 -25.25 -13.08
C LEU A 342 -12.59 -24.78 -11.86
N HIS A 343 -12.78 -25.67 -10.88
CA HIS A 343 -13.43 -25.29 -9.63
C HIS A 343 -12.60 -24.24 -8.86
N ALA A 344 -11.28 -24.40 -8.89
CA ALA A 344 -10.41 -23.45 -8.22
C ALA A 344 -10.46 -22.09 -8.92
N ALA A 345 -10.72 -22.12 -10.22
CA ALA A 345 -10.80 -20.90 -11.00
C ALA A 345 -12.08 -20.12 -10.67
N VAL A 346 -13.18 -20.85 -10.54
CA VAL A 346 -14.47 -20.28 -10.19
C VAL A 346 -14.44 -19.69 -8.78
N LYS A 347 -13.76 -20.40 -7.88
CA LYS A 347 -13.62 -19.94 -6.50
C LYS A 347 -12.87 -18.61 -6.45
N ALA A 348 -11.74 -18.56 -7.17
CA ALA A 348 -10.97 -17.34 -7.28
C ALA A 348 -11.84 -16.21 -7.84
N ALA A 349 -12.63 -16.51 -8.86
CA ALA A 349 -13.47 -15.51 -9.50
C ALA A 349 -14.58 -15.04 -8.58
N ALA A 350 -15.20 -16.00 -7.88
CA ALA A 350 -16.29 -15.71 -6.96
C ALA A 350 -15.83 -14.87 -5.77
N TYR A 351 -14.61 -15.13 -5.33
CA TYR A 351 -14.02 -14.35 -4.24
C TYR A 351 -13.94 -12.87 -4.64
N ILE A 352 -13.46 -12.60 -5.84
CA ILE A 352 -13.35 -11.23 -6.34
C ILE A 352 -14.73 -10.59 -6.56
N ILE A 353 -15.67 -11.39 -7.04
CA ILE A 353 -17.03 -10.93 -7.29
C ILE A 353 -17.71 -10.37 -6.03
N CYS A 354 -17.45 -11.00 -4.89
CA CYS A 354 -18.03 -10.55 -3.62
C CYS A 354 -17.24 -9.40 -3.00
N ARG A 355 -16.33 -8.80 -3.77
CA ARG A 355 -15.50 -7.73 -3.26
C ARG A 355 -15.41 -6.56 -4.25
N SER A 356 -15.07 -5.38 -3.72
CA SER A 356 -14.98 -4.17 -4.52
C SER A 356 -13.58 -4.02 -5.11
N GLY A 357 -13.50 -3.89 -6.43
CA GLY A 357 -12.21 -3.81 -7.09
C GLY A 357 -11.46 -5.13 -6.98
N PHE A 358 -10.24 -5.18 -7.48
CA PHE A 358 -9.45 -6.38 -7.34
C PHE A 358 -8.77 -6.37 -5.98
N SER A 359 -9.57 -6.61 -4.96
CA SER A 359 -9.13 -6.54 -3.58
C SER A 359 -8.82 -7.93 -3.04
N LEU A 360 -7.56 -8.14 -2.66
CA LEU A 360 -7.16 -9.38 -2.01
C LEU A 360 -7.03 -9.17 -0.51
N GLY A 361 -7.95 -9.75 0.26
CA GLY A 361 -7.95 -9.62 1.70
C GLY A 361 -7.03 -10.62 2.36
N SER A 362 -7.25 -10.89 3.65
CA SER A 362 -6.39 -11.81 4.37
C SER A 362 -6.53 -13.22 3.82
N ARG A 363 -5.38 -13.85 3.58
CA ARG A 363 -5.33 -15.15 2.93
C ARG A 363 -6.09 -16.23 3.71
N ASP A 364 -6.15 -16.07 5.03
CA ASP A 364 -6.87 -17.02 5.89
C ASP A 364 -8.36 -17.08 5.59
N SER A 365 -8.94 -15.94 5.20
CA SER A 365 -10.37 -15.85 4.99
C SER A 365 -10.77 -16.18 3.56
N TYR A 366 -9.90 -16.91 2.87
CA TYR A 366 -10.17 -17.32 1.49
C TYR A 366 -11.07 -18.56 1.49
N SER A 367 -11.04 -19.31 2.60
CA SER A 367 -11.72 -20.60 2.71
C SER A 367 -11.23 -21.57 1.64
N ASP B 23 4.09 -14.25 25.43
CA ASP B 23 4.36 -13.27 24.38
C ASP B 23 3.33 -12.14 24.41
N LEU B 24 3.12 -11.50 23.27
CA LEU B 24 2.20 -10.38 23.18
C LEU B 24 0.96 -10.73 22.36
N SER B 25 -0.20 -10.37 22.88
CA SER B 25 -1.46 -10.63 22.19
C SER B 25 -1.67 -9.60 21.07
N GLU B 26 -2.60 -9.89 20.18
CA GLU B 26 -2.96 -8.97 19.11
C GLU B 26 -3.54 -7.69 19.68
N GLY B 27 -3.08 -6.56 19.16
CA GLY B 27 -3.57 -5.27 19.60
C GLY B 27 -3.01 -4.81 20.94
N TYR B 28 -1.95 -5.48 21.39
CA TYR B 28 -1.33 -5.18 22.67
C TYR B 28 -0.85 -3.73 22.75
N VAL B 29 -0.44 -3.20 21.61
CA VAL B 29 0.04 -1.83 21.52
C VAL B 29 -0.91 -0.99 20.66
N PHE B 30 -1.34 0.14 21.19
CA PHE B 30 -2.23 1.02 20.46
C PHE B 30 -1.62 2.41 20.35
N GLY B 31 -1.81 3.03 19.20
CA GLY B 31 -1.45 4.42 19.01
C GLY B 31 -2.52 5.16 18.25
N MET B 32 -2.71 6.43 18.55
CA MET B 32 -3.52 7.29 17.71
C MET B 32 -2.73 8.54 17.39
N GLY B 33 -2.92 9.10 16.20
CA GLY B 33 -2.22 10.30 15.86
C GLY B 33 -2.54 10.86 14.49
N ASN B 34 -1.62 11.68 13.99
CA ASN B 34 -1.80 12.32 12.69
C ASN B 34 -1.10 11.54 11.61
N PRO B 35 -1.87 10.85 10.76
CA PRO B 35 -1.26 10.15 9.63
C PRO B 35 -0.96 11.15 8.51
N LEU B 36 0.31 11.33 8.20
CA LEU B 36 0.73 12.35 7.25
C LEU B 36 1.64 11.75 6.19
N LEU B 37 1.59 12.29 4.99
CA LEU B 37 2.50 11.87 3.95
C LEU B 37 3.71 12.81 3.93
N ASP B 38 4.91 12.26 4.11
CA ASP B 38 6.12 13.04 4.00
C ASP B 38 6.52 13.14 2.53
N ILE B 39 6.67 14.37 2.04
CA ILE B 39 7.08 14.60 0.66
C ILE B 39 8.52 15.06 0.67
N ILE B 40 9.43 14.16 0.30
CA ILE B 40 10.86 14.42 0.41
C ILE B 40 11.38 15.11 -0.84
N VAL B 41 12.12 16.20 -0.64
CA VAL B 41 12.67 16.94 -1.78
C VAL B 41 14.03 17.55 -1.43
N ASP B 42 14.98 17.45 -2.36
CA ASP B 42 16.23 18.18 -2.25
C ASP B 42 15.96 19.62 -2.63
N ALA B 43 16.12 20.53 -1.66
CA ALA B 43 15.75 21.93 -1.85
C ALA B 43 16.96 22.81 -2.12
N ASP B 44 16.77 23.81 -2.98
CA ASP B 44 17.81 24.82 -3.22
C ASP B 44 17.92 25.72 -2.00
N ASP B 45 19.01 26.46 -1.90
CA ASP B 45 19.26 27.27 -0.72
C ASP B 45 18.27 28.44 -0.59
N PHE B 46 17.63 28.83 -1.68
CA PHE B 46 16.69 29.95 -1.65
C PHE B 46 15.41 29.63 -0.88
N MET B 47 15.02 28.35 -0.87
CA MET B 47 13.77 27.93 -0.23
C MET B 47 13.76 28.30 1.25
N TYR B 48 14.91 28.16 1.92
CA TYR B 48 14.99 28.43 3.34
C TYR B 48 14.78 29.90 3.66
N ARG B 49 15.38 30.76 2.84
CA ARG B 49 15.20 32.20 2.96
C ARG B 49 13.77 32.59 2.62
N LYS B 50 13.28 32.06 1.50
CA LYS B 50 11.96 32.39 1.00
C LYS B 50 10.86 32.12 2.02
N TYR B 51 10.91 30.93 2.63
CA TYR B 51 9.87 30.52 3.58
C TYR B 51 10.30 30.68 5.03
N ASN B 52 11.41 31.39 5.24
CA ASN B 52 11.92 31.68 6.58
C ASN B 52 12.03 30.42 7.43
N LEU B 53 12.77 29.44 6.93
CA LEU B 53 12.87 28.14 7.57
C LEU B 53 14.26 27.91 8.15
N LYS B 54 14.32 27.43 9.39
CA LYS B 54 15.59 27.00 9.96
C LYS B 54 15.87 25.59 9.50
N LYS B 55 17.15 25.23 9.43
CA LYS B 55 17.50 23.86 9.11
C LYS B 55 17.21 23.00 10.33
N ASP B 56 16.81 21.76 10.09
CA ASP B 56 16.53 20.81 11.16
C ASP B 56 15.43 21.32 12.11
N ASN B 57 14.33 21.80 11.54
CA ASN B 57 13.20 22.25 12.35
C ASN B 57 11.87 21.74 11.82
N ILE B 58 10.83 21.83 12.65
CA ILE B 58 9.48 21.47 12.26
C ILE B 58 8.55 22.61 12.63
N VAL B 59 7.76 23.07 11.67
CA VAL B 59 6.75 24.10 11.93
C VAL B 59 5.44 23.74 11.27
N LEU B 60 4.35 24.31 11.78
CA LEU B 60 3.04 24.13 11.19
C LEU B 60 2.85 25.20 10.13
N ALA B 61 2.26 24.83 8.99
CA ALA B 61 2.16 25.75 7.86
C ALA B 61 1.25 26.93 8.16
N GLU B 62 1.76 28.13 7.89
CA GLU B 62 0.95 29.33 7.95
C GLU B 62 0.60 29.70 6.52
N GLU B 63 -0.17 30.76 6.34
CA GLU B 63 -0.60 31.17 5.00
C GLU B 63 0.59 31.45 4.08
N LYS B 64 1.60 32.13 4.63
CA LYS B 64 2.80 32.47 3.86
C LYS B 64 3.61 31.25 3.40
N HIS B 65 3.28 30.07 3.93
CA HIS B 65 3.99 28.84 3.59
C HIS B 65 3.29 28.04 2.49
N MET B 66 2.01 28.33 2.26
CA MET B 66 1.15 27.48 1.43
C MET B 66 1.63 27.23 -0.01
N THR B 67 2.39 28.16 -0.58
CA THR B 67 2.87 27.98 -1.94
C THR B 67 3.93 26.89 -2.04
N ILE B 68 4.50 26.48 -0.90
CA ILE B 68 5.58 25.52 -0.90
C ILE B 68 5.16 24.15 -1.46
N TYR B 69 3.93 23.74 -1.18
CA TYR B 69 3.47 22.42 -1.60
C TYR B 69 3.34 22.34 -3.12
N ASP B 70 2.89 23.43 -3.74
CA ASP B 70 2.84 23.48 -5.20
C ASP B 70 4.24 23.60 -5.78
N GLU B 71 5.10 24.32 -5.07
CA GLU B 71 6.44 24.61 -5.56
C GLU B 71 7.31 23.35 -5.62
N ILE B 72 7.25 22.51 -4.59
CA ILE B 72 8.06 21.30 -4.58
C ILE B 72 7.51 20.28 -5.57
N GLN B 73 6.20 20.29 -5.78
CA GLN B 73 5.54 19.31 -6.65
C GLN B 73 5.94 19.43 -8.11
N LYS B 74 6.69 20.48 -8.46
CA LYS B 74 7.16 20.66 -9.82
C LYS B 74 8.47 19.93 -10.02
N LYS B 75 9.17 19.68 -8.92
CA LYS B 75 10.51 19.09 -8.98
C LYS B 75 10.49 17.62 -9.34
N LYS B 76 11.56 17.19 -10.00
CA LYS B 76 11.72 15.80 -10.37
C LYS B 76 12.24 15.02 -9.18
N LYS B 77 12.16 13.70 -9.26
CA LYS B 77 12.73 12.81 -8.23
C LYS B 77 12.20 13.08 -6.82
N LEU B 78 10.94 13.48 -6.71
CA LEU B 78 10.28 13.56 -5.42
C LEU B 78 10.19 12.16 -4.84
N ASN B 79 10.27 12.05 -3.52
CA ASN B 79 10.02 10.78 -2.86
C ASN B 79 8.89 10.95 -1.84
N TYR B 80 8.02 9.95 -1.76
CA TYR B 80 6.86 10.00 -0.89
C TYR B 80 6.93 8.88 0.12
N ILE B 81 6.89 9.21 1.40
CA ILE B 81 6.97 8.23 2.47
C ILE B 81 5.85 8.44 3.47
N ALA B 82 5.21 7.34 3.88
CA ALA B 82 4.24 7.39 4.97
C ALA B 82 4.90 7.94 6.23
N GLY B 83 4.25 8.92 6.86
CA GLY B 83 4.84 9.59 8.00
C GLY B 83 3.86 9.76 9.15
N GLY B 84 4.10 10.78 9.97
CA GLY B 84 3.34 10.96 11.20
C GLY B 84 4.12 10.38 12.36
N ALA B 85 4.41 11.23 13.34
CA ALA B 85 5.23 10.85 14.50
C ALA B 85 4.77 9.57 15.18
N THR B 86 3.52 9.56 15.64
CA THR B 86 2.95 8.40 16.32
C THR B 86 2.91 7.17 15.42
N LEU B 87 2.52 7.38 14.16
CA LEU B 87 2.47 6.29 13.20
C LEU B 87 3.85 5.69 12.97
N ASN B 88 4.87 6.53 12.87
CA ASN B 88 6.24 6.05 12.72
C ASN B 88 6.64 5.14 13.87
N THR B 89 6.42 5.62 15.10
CA THR B 89 6.79 4.86 16.28
C THR B 89 6.02 3.54 16.36
N VAL B 90 4.69 3.62 16.28
CA VAL B 90 3.84 2.44 16.36
C VAL B 90 4.14 1.42 15.26
N LYS B 91 4.38 1.88 14.03
CA LYS B 91 4.60 0.92 12.97
C LYS B 91 5.97 0.25 13.11
N MET B 92 6.95 1.00 13.63
CA MET B 92 8.27 0.40 13.81
C MET B 92 8.27 -0.61 14.96
N ILE B 93 7.49 -0.33 16.00
CA ILE B 93 7.26 -1.30 17.06
C ILE B 93 6.76 -2.60 16.46
N GLN B 94 5.77 -2.48 15.57
CA GLN B 94 5.19 -3.64 14.91
C GLN B 94 6.25 -4.38 14.11
N TRP B 95 7.01 -3.62 13.33
CA TRP B 95 8.06 -4.16 12.48
C TRP B 95 9.16 -4.85 13.29
N ILE B 96 9.48 -4.30 14.45
CA ILE B 96 10.51 -4.87 15.32
C ILE B 96 10.06 -6.21 15.91
N ILE B 97 8.84 -6.24 16.43
CA ILE B 97 8.31 -7.41 17.09
C ILE B 97 7.98 -8.56 16.12
N GLN B 98 7.75 -8.22 14.85
CA GLN B 98 7.47 -9.19 13.79
C GLN B 98 6.12 -9.92 13.88
N LYS B 99 5.63 -10.17 15.09
CA LYS B 99 4.33 -10.80 15.26
C LYS B 99 3.22 -9.94 14.67
N PRO B 100 2.48 -10.47 13.67
CA PRO B 100 1.46 -9.70 12.96
C PRO B 100 0.35 -9.20 13.88
N PHE B 101 -0.14 -7.98 13.63
CA PHE B 101 -1.31 -7.42 14.31
C PHE B 101 -1.11 -7.13 15.81
N VAL B 102 0.14 -7.13 16.27
CA VAL B 102 0.44 -6.75 17.65
C VAL B 102 0.13 -5.27 17.91
N CYS B 103 0.31 -4.44 16.89
CA CYS B 103 0.05 -3.01 17.04
C CYS B 103 -1.26 -2.56 16.38
N SER B 104 -1.83 -1.49 16.91
CA SER B 104 -3.04 -0.89 16.37
C SER B 104 -2.83 0.60 16.22
N TYR B 105 -3.37 1.19 15.16
CA TYR B 105 -3.25 2.62 14.95
C TYR B 105 -4.58 3.23 14.48
N VAL B 106 -4.92 4.37 15.06
CA VAL B 106 -6.09 5.14 14.62
C VAL B 106 -5.67 6.56 14.24
N GLY B 107 -6.12 7.02 13.08
CA GLY B 107 -5.86 8.38 12.64
C GLY B 107 -6.86 8.78 11.55
N CYS B 108 -6.85 10.05 11.17
CA CYS B 108 -7.75 10.51 10.13
C CYS B 108 -7.03 10.91 8.84
N ILE B 109 -7.32 10.19 7.77
CA ILE B 109 -6.79 10.49 6.45
C ILE B 109 -7.87 11.11 5.59
N GLY B 110 -7.49 11.58 4.40
CA GLY B 110 -8.43 12.11 3.43
C GLY B 110 -8.83 11.03 2.44
N ALA B 111 -9.86 11.30 1.65
CA ALA B 111 -10.32 10.35 0.64
C ALA B 111 -9.55 10.58 -0.67
N ASP B 112 -8.24 10.38 -0.62
CA ASP B 112 -7.39 10.61 -1.77
C ASP B 112 -6.37 9.50 -1.95
N ILE B 113 -5.55 9.62 -2.99
CA ILE B 113 -4.51 8.64 -3.26
C ILE B 113 -3.49 8.59 -2.12
N GLN B 114 -3.22 9.73 -1.50
CA GLN B 114 -2.29 9.80 -0.37
C GLN B 114 -2.78 8.99 0.83
N GLY B 115 -4.06 9.12 1.14
CA GLY B 115 -4.65 8.39 2.24
C GLY B 115 -4.58 6.90 1.97
N LYS B 116 -4.82 6.53 0.72
CA LYS B 116 -4.78 5.13 0.31
C LYS B 116 -3.36 4.61 0.40
N TYR B 117 -2.40 5.46 0.05
CA TYR B 117 -0.99 5.07 0.10
C TYR B 117 -0.56 4.71 1.52
N ILE B 118 -0.93 5.56 2.47
CA ILE B 118 -0.57 5.35 3.87
C ILE B 118 -1.27 4.12 4.45
N LYS B 119 -2.56 4.00 4.16
CA LYS B 119 -3.36 2.87 4.63
C LYS B 119 -2.80 1.55 4.12
N ASN B 120 -2.34 1.56 2.88
CA ASN B 120 -1.72 0.38 2.30
C ASN B 120 -0.39 0.07 2.97
N ASP B 121 0.34 1.14 3.30
CA ASP B 121 1.64 1.02 3.95
C ASP B 121 1.52 0.31 5.30
N CYS B 122 0.48 0.65 6.05
CA CYS B 122 0.23 0.05 7.35
C CYS B 122 -0.10 -1.43 7.22
N SER B 123 -0.89 -1.74 6.19
CA SER B 123 -1.35 -3.10 5.99
C SER B 123 -0.20 -4.03 5.61
N ALA B 124 0.74 -3.51 4.81
CA ALA B 124 1.92 -4.27 4.44
C ALA B 124 2.76 -4.62 5.67
N LEU B 125 2.69 -3.79 6.71
CA LEU B 125 3.45 -4.01 7.93
C LEU B 125 2.70 -4.87 8.95
N ASP B 126 1.52 -5.35 8.57
CA ASP B 126 0.65 -6.12 9.46
C ASP B 126 0.25 -5.30 10.68
N LEU B 127 0.05 -4.02 10.44
CA LEU B 127 -0.41 -3.10 11.45
C LEU B 127 -1.91 -2.94 11.29
N VAL B 128 -2.65 -3.24 12.35
CA VAL B 128 -4.10 -3.12 12.33
C VAL B 128 -4.46 -1.65 12.44
N THR B 129 -5.39 -1.18 11.61
CA THR B 129 -5.74 0.24 11.59
C THR B 129 -7.23 0.47 11.52
N GLU B 130 -7.67 1.59 12.08
CA GLU B 130 -9.04 2.03 11.92
C GLU B 130 -9.06 3.51 11.58
N PHE B 131 -8.80 3.81 10.31
CA PHE B 131 -8.74 5.19 9.86
C PHE B 131 -10.11 5.84 9.80
N GLN B 132 -10.20 7.08 10.28
CA GLN B 132 -11.37 7.89 10.04
C GLN B 132 -11.12 8.62 8.73
N ILE B 133 -12.13 8.68 7.86
CA ILE B 133 -11.98 9.43 6.61
C ILE B 133 -12.64 10.79 6.72
N ALA B 134 -11.83 11.84 6.55
CA ALA B 134 -12.35 13.20 6.64
C ALA B 134 -13.37 13.47 5.53
N GLU B 135 -14.34 14.33 5.83
CA GLU B 135 -15.31 14.71 4.82
C GLU B 135 -14.63 15.47 3.69
N GLU B 136 -14.90 15.06 2.46
CA GLU B 136 -14.31 15.68 1.29
C GLU B 136 -14.76 17.14 1.17
N PRO B 137 -13.92 17.99 0.55
CA PRO B 137 -12.66 17.65 -0.13
C PRO B 137 -11.42 17.79 0.76
N LEU B 138 -11.57 17.65 2.09
CA LEU B 138 -10.42 17.76 2.97
C LEU B 138 -9.42 16.65 2.69
N MET B 139 -8.20 17.02 2.33
CA MET B 139 -7.21 16.05 1.87
C MET B 139 -6.29 15.56 2.98
N THR B 140 -5.68 14.39 2.76
CA THR B 140 -4.73 13.80 3.68
C THR B 140 -3.57 14.76 3.98
N GLY B 141 -3.23 14.88 5.25
CA GLY B 141 -2.16 15.76 5.67
C GLY B 141 -0.84 15.44 4.99
N LYS B 142 0.03 16.44 4.92
CA LYS B 142 1.32 16.25 4.29
C LYS B 142 2.38 17.08 4.98
N VAL B 143 3.62 16.65 4.82
CA VAL B 143 4.76 17.38 5.34
C VAL B 143 5.72 17.63 4.19
N ALA B 144 6.06 18.89 3.97
CA ALA B 144 7.10 19.23 3.01
C ALA B 144 8.44 19.03 3.69
N VAL B 145 9.17 17.99 3.28
CA VAL B 145 10.47 17.72 3.86
C VAL B 145 11.58 18.22 2.94
N LEU B 146 12.17 19.35 3.32
CA LEU B 146 13.23 19.97 2.55
C LEU B 146 14.57 19.39 2.98
N VAL B 147 15.31 18.81 2.02
CA VAL B 147 16.58 18.18 2.34
C VAL B 147 17.75 18.95 1.74
N SER B 148 18.76 19.19 2.56
CA SER B 148 20.00 19.80 2.08
C SER B 148 21.21 19.21 2.82
N ARG B 152 17.36 20.34 6.21
CA ARG B 152 16.53 19.21 6.65
C ARG B 152 15.29 19.68 7.43
N SER B 153 14.54 20.60 6.83
CA SER B 153 13.42 21.27 7.49
C SER B 153 12.04 20.78 7.02
N MET B 154 11.08 20.82 7.94
CA MET B 154 9.74 20.30 7.68
C MET B 154 8.65 21.34 7.84
N VAL B 155 7.79 21.44 6.83
CA VAL B 155 6.63 22.32 6.89
C VAL B 155 5.38 21.45 6.81
N THR B 156 4.54 21.57 7.83
CA THR B 156 3.47 20.59 8.05
C THR B 156 2.09 21.16 7.79
N TYR B 157 1.35 20.50 6.91
CA TYR B 157 -0.05 20.81 6.70
C TYR B 157 -0.89 19.62 7.19
N LEU B 158 -1.49 19.78 8.36
CA LEU B 158 -2.18 18.68 9.03
C LEU B 158 -3.37 18.16 8.24
N GLY B 159 -4.07 19.06 7.55
CA GLY B 159 -5.21 18.68 6.72
C GLY B 159 -6.22 17.79 7.42
N ALA B 160 -6.45 16.62 6.83
CA ALA B 160 -7.46 15.68 7.33
C ALA B 160 -7.20 15.19 8.75
N ALA B 161 -5.93 15.19 9.16
CA ALA B 161 -5.56 14.72 10.49
C ALA B 161 -6.30 15.50 11.57
N CYS B 162 -6.63 16.75 11.28
CA CYS B 162 -7.38 17.61 12.19
C CYS B 162 -8.77 17.09 12.53
N ASP B 163 -9.40 16.42 11.56
CA ASP B 163 -10.79 16.01 11.71
C ASP B 163 -10.98 14.76 12.57
N LEU B 164 -9.89 14.23 13.11
CA LEU B 164 -9.98 13.11 14.03
C LEU B 164 -10.83 13.52 15.21
N SER B 165 -11.92 12.79 15.43
CA SER B 165 -12.90 13.17 16.44
C SER B 165 -13.04 12.13 17.54
N LEU B 166 -13.54 12.57 18.69
CA LEU B 166 -13.80 11.68 19.80
C LEU B 166 -14.84 10.63 19.41
N ALA B 167 -15.81 11.04 18.59
CA ALA B 167 -16.89 10.15 18.16
C ALA B 167 -16.39 8.93 17.40
N HIS B 168 -15.33 9.11 16.62
CA HIS B 168 -14.76 8.02 15.85
C HIS B 168 -14.09 7.01 16.78
N ILE B 169 -13.39 7.53 17.77
CA ILE B 169 -12.71 6.70 18.74
C ILE B 169 -13.70 5.93 19.62
N GLU B 170 -14.82 6.56 19.93
CA GLU B 170 -15.79 5.95 20.83
C GLU B 170 -16.63 4.85 20.18
N GLN B 171 -16.55 4.76 18.84
CA GLN B 171 -17.24 3.69 18.12
C GLN B 171 -16.74 2.34 18.61
N PRO B 172 -17.68 1.44 18.94
CA PRO B 172 -17.40 0.13 19.54
C PRO B 172 -16.27 -0.63 18.86
N HIS B 173 -16.27 -0.66 17.53
CA HIS B 173 -15.27 -1.44 16.79
C HIS B 173 -13.90 -0.76 16.82
N VAL B 174 -13.87 0.51 17.19
CA VAL B 174 -12.62 1.24 17.35
C VAL B 174 -12.18 1.27 18.81
N TRP B 175 -13.13 1.46 19.72
CA TRP B 175 -12.82 1.50 21.14
C TRP B 175 -12.31 0.14 21.66
N SER B 176 -12.73 -0.95 21.03
CA SER B 176 -12.26 -2.28 21.44
C SER B 176 -10.76 -2.47 21.18
N LEU B 177 -10.21 -1.66 20.28
CA LEU B 177 -8.77 -1.68 20.06
C LEU B 177 -8.09 -1.02 21.25
N VAL B 178 -8.75 -0.04 21.84
CA VAL B 178 -8.22 0.62 23.03
C VAL B 178 -8.25 -0.34 24.22
N GLU B 179 -9.37 -1.02 24.39
CA GLU B 179 -9.57 -1.91 25.54
C GLU B 179 -8.66 -3.13 25.52
N LYS B 180 -8.36 -3.64 24.32
CA LYS B 180 -7.52 -4.83 24.22
C LYS B 180 -6.03 -4.49 24.37
N ALA B 181 -5.66 -3.23 24.17
CA ALA B 181 -4.28 -2.81 24.31
C ALA B 181 -3.83 -2.68 25.77
N GLN B 182 -2.56 -2.97 26.02
CA GLN B 182 -1.99 -2.82 27.35
C GLN B 182 -0.94 -1.72 27.36
N VAL B 183 -0.65 -1.20 26.17
CA VAL B 183 0.41 -0.22 25.97
C VAL B 183 -0.05 0.84 24.96
N TYR B 184 0.08 2.11 25.30
CA TYR B 184 -0.29 3.18 24.39
C TYR B 184 0.90 4.07 24.04
N TYR B 185 0.93 4.55 22.80
CA TYR B 185 1.88 5.57 22.41
C TYR B 185 1.16 6.66 21.63
N ILE B 186 1.20 7.88 22.17
CA ILE B 186 0.62 9.03 21.48
C ILE B 186 1.58 10.20 21.60
N ALA B 187 1.93 10.78 20.46
CA ALA B 187 2.79 11.95 20.44
C ALA B 187 2.02 13.16 20.94
N GLY B 188 2.73 14.09 21.58
CA GLY B 188 2.15 15.35 22.00
C GLY B 188 1.58 16.16 20.85
N PHE B 189 2.00 15.85 19.62
CA PHE B 189 1.47 16.50 18.42
C PHE B 189 -0.04 16.38 18.32
N VAL B 190 -0.58 15.32 18.91
CA VAL B 190 -1.99 15.01 18.78
C VAL B 190 -2.85 15.95 19.64
N ILE B 191 -2.20 16.70 20.51
CA ILE B 191 -2.88 17.73 21.29
C ILE B 191 -3.60 18.72 20.39
N ASN B 192 -3.03 19.02 19.23
CA ASN B 192 -3.61 19.98 18.29
C ASN B 192 -4.72 19.43 17.41
N THR B 193 -4.85 18.12 17.31
CA THR B 193 -5.81 17.52 16.40
C THR B 193 -6.99 16.82 17.09
N CYS B 194 -6.71 16.08 18.16
CA CYS B 194 -7.76 15.42 18.92
C CYS B 194 -7.36 15.20 20.38
N TYR B 195 -7.35 16.29 21.15
CA TYR B 195 -6.93 16.21 22.53
C TYR B 195 -7.90 15.42 23.39
N GLU B 196 -9.20 15.61 23.14
CA GLU B 196 -10.25 14.89 23.87
C GLU B 196 -10.06 13.38 23.72
N GLY B 197 -9.75 12.95 22.51
CA GLY B 197 -9.49 11.55 22.23
C GLY B 197 -8.31 10.98 23.02
N MET B 198 -7.17 11.64 22.95
CA MET B 198 -5.99 11.18 23.66
C MET B 198 -6.17 11.26 25.18
N LEU B 199 -6.91 12.27 25.64
CA LEU B 199 -7.20 12.40 27.05
C LEU B 199 -8.07 11.25 27.56
N LYS B 200 -9.06 10.85 26.75
CA LYS B 200 -9.94 9.74 27.11
C LYS B 200 -9.16 8.43 27.17
N ILE B 201 -8.24 8.23 26.23
CA ILE B 201 -7.43 7.03 26.23
C ILE B 201 -6.49 7.01 27.44
N ALA B 202 -5.96 8.17 27.79
CA ALA B 202 -5.04 8.29 28.92
C ALA B 202 -5.72 7.96 30.25
N LYS B 203 -6.90 8.54 30.46
CA LYS B 203 -7.69 8.27 31.66
C LYS B 203 -7.98 6.78 31.75
N HIS B 204 -8.27 6.17 30.61
CA HIS B 204 -8.53 4.75 30.53
C HIS B 204 -7.30 3.91 30.87
N SER B 205 -6.15 4.32 30.34
CA SER B 205 -4.89 3.61 30.60
C SER B 205 -4.56 3.58 32.08
N LEU B 206 -4.72 4.74 32.73
CA LEU B 206 -4.36 4.86 34.13
C LEU B 206 -5.33 4.09 35.01
N GLU B 207 -6.61 4.17 34.68
CA GLU B 207 -7.64 3.48 35.45
C GLU B 207 -7.43 1.98 35.39
N ASN B 208 -6.83 1.51 34.30
CA ASN B 208 -6.58 0.09 34.13
C ASN B 208 -5.13 -0.31 34.30
N GLU B 209 -4.35 0.59 34.89
CA GLU B 209 -2.94 0.33 35.17
C GLU B 209 -2.18 -0.15 33.94
N LYS B 210 -2.44 0.49 32.81
CA LYS B 210 -1.73 0.17 31.59
C LYS B 210 -0.52 1.08 31.43
N LEU B 211 0.28 0.80 30.41
CA LEU B 211 1.49 1.58 30.14
C LEU B 211 1.19 2.66 29.10
N PHE B 212 1.13 3.92 29.55
CA PHE B 212 0.90 5.02 28.62
C PHE B 212 2.20 5.75 28.33
N CYS B 213 2.58 5.78 27.06
CA CYS B 213 3.82 6.40 26.65
C CYS B 213 3.54 7.69 25.87
N PHE B 214 4.22 8.76 26.28
CA PHE B 214 3.96 10.10 25.75
C PHE B 214 5.25 10.74 25.26
N ASN B 215 5.14 11.54 24.20
CA ASN B 215 6.31 12.22 23.66
C ASN B 215 6.06 13.72 23.65
N LEU B 216 7.02 14.49 24.16
CA LEU B 216 6.90 15.95 24.15
C LEU B 216 6.78 16.52 22.73
N SER B 217 7.34 15.80 21.76
CA SER B 217 7.13 16.06 20.32
C SER B 217 7.75 17.34 19.76
N ALA B 218 7.42 18.48 20.35
CA ALA B 218 7.92 19.75 19.84
C ALA B 218 7.86 20.84 20.90
N PRO B 219 8.89 21.70 20.95
CA PRO B 219 9.00 22.77 21.95
C PRO B 219 7.75 23.64 22.04
N PHE B 220 7.09 23.93 20.92
CA PHE B 220 5.93 24.83 20.94
C PHE B 220 4.76 24.28 21.76
N LEU B 221 4.64 22.96 21.80
CA LEU B 221 3.60 22.32 22.60
C LEU B 221 3.74 22.66 24.07
N SER B 222 4.96 22.65 24.59
CA SER B 222 5.20 22.97 25.98
C SER B 222 4.97 24.47 26.25
N GLN B 223 5.16 25.27 25.22
CA GLN B 223 5.04 26.71 25.36
C GLN B 223 3.59 27.18 25.28
N PHE B 224 2.84 26.66 24.31
CA PHE B 224 1.51 27.17 24.04
C PHE B 224 0.38 26.20 24.42
N ASN B 225 0.74 24.97 24.77
CA ASN B 225 -0.24 24.01 25.25
C ASN B 225 0.20 23.40 26.56
N THR B 226 0.83 24.24 27.39
CA THR B 226 1.40 23.80 28.65
C THR B 226 0.40 23.05 29.51
N LYS B 227 -0.80 23.60 29.60
CA LYS B 227 -1.89 22.98 30.36
C LYS B 227 -2.12 21.53 29.91
N GLU B 228 -2.23 21.32 28.60
CA GLU B 228 -2.49 19.99 28.06
C GLU B 228 -1.32 19.03 28.25
N VAL B 229 -0.09 19.53 28.07
CA VAL B 229 1.09 18.70 28.23
C VAL B 229 1.20 18.16 29.66
N ASP B 230 1.06 19.04 30.64
CA ASP B 230 1.15 18.60 32.03
C ASP B 230 0.02 17.63 32.37
N GLU B 231 -1.16 17.85 31.83
CA GLU B 231 -2.27 16.93 32.07
C GLU B 231 -1.94 15.53 31.55
N MET B 232 -1.44 15.46 30.32
CA MET B 232 -1.05 14.19 29.73
C MET B 232 0.04 13.52 30.55
N ILE B 233 0.95 14.34 31.08
CA ILE B 233 2.05 13.82 31.89
C ILE B 233 1.49 13.11 33.12
N SER B 234 0.43 13.67 33.70
CA SER B 234 -0.19 13.10 34.90
C SER B 234 -0.81 11.72 34.67
N TYR B 235 -0.94 11.33 33.39
CA TYR B 235 -1.44 10.00 33.05
C TYR B 235 -0.36 9.11 32.44
N SER B 236 0.81 9.68 32.19
CA SER B 236 1.85 8.96 31.47
C SER B 236 2.81 8.17 32.37
N ASN B 237 3.02 6.91 32.03
CA ASN B 237 4.01 6.08 32.70
C ASN B 237 5.42 6.33 32.16
N ILE B 238 5.52 6.67 30.88
CA ILE B 238 6.81 6.99 30.27
C ILE B 238 6.71 8.26 29.43
N VAL B 239 7.62 9.21 29.68
CA VAL B 239 7.66 10.42 28.88
C VAL B 239 8.97 10.54 28.13
N PHE B 240 8.87 10.69 26.81
CA PHE B 240 10.02 10.91 25.95
C PHE B 240 10.12 12.38 25.58
N GLY B 241 11.33 12.90 25.51
CA GLY B 241 11.56 14.26 25.06
C GLY B 241 12.99 14.43 24.55
N ASN B 242 13.24 15.57 23.93
CA ASN B 242 14.61 15.91 23.57
C ASN B 242 15.07 17.16 24.31
N GLU B 243 16.30 17.61 24.04
CA GLU B 243 16.87 18.73 24.76
C GLU B 243 16.09 20.03 24.52
N SER B 244 15.79 20.28 23.24
CA SER B 244 15.03 21.46 22.84
C SER B 244 13.71 21.55 23.60
N GLU B 245 12.97 20.44 23.61
CA GLU B 245 11.68 20.38 24.29
C GLU B 245 11.85 20.58 25.79
N ALA B 246 12.92 20.01 26.34
CA ALA B 246 13.18 20.08 27.77
C ALA B 246 13.49 21.51 28.21
N GLU B 247 14.24 22.24 27.39
CA GLU B 247 14.54 23.64 27.65
C GLU B 247 13.29 24.51 27.61
N ALA B 248 12.44 24.27 26.62
CA ALA B 248 11.20 25.04 26.49
C ALA B 248 10.23 24.76 27.65
N TYR B 249 10.09 23.49 28.01
CA TYR B 249 9.26 23.09 29.13
C TYR B 249 9.77 23.72 30.43
N GLY B 250 11.08 23.68 30.63
CA GLY B 250 11.69 24.25 31.81
C GLY B 250 11.48 25.74 31.94
N GLU B 251 11.61 26.47 30.84
CA GLU B 251 11.43 27.92 30.87
C GLU B 251 10.00 28.28 31.24
N VAL B 252 9.04 27.55 30.70
CA VAL B 252 7.64 27.82 30.96
C VAL B 252 7.32 27.56 32.43
N HIS B 253 8.01 26.59 33.02
CA HIS B 253 7.78 26.24 34.42
C HIS B 253 8.74 26.94 35.36
N GLY B 254 9.46 27.93 34.85
CA GLY B 254 10.36 28.72 35.67
C GLY B 254 11.56 27.95 36.20
N LEU B 255 11.93 26.88 35.52
CA LEU B 255 13.12 26.11 35.90
C LEU B 255 14.35 26.71 35.24
N LEU B 256 14.78 27.85 35.74
CA LEU B 256 15.83 28.64 35.11
C LEU B 256 17.24 28.11 35.38
N GLU B 257 17.39 27.34 36.45
CA GLU B 257 18.68 26.79 36.82
C GLU B 257 18.76 25.30 36.50
N ASP B 258 19.81 24.91 35.77
CA ASP B 258 19.99 23.54 35.29
C ASP B 258 18.71 23.03 34.67
N THR B 259 18.22 23.79 33.69
CA THR B 259 16.89 23.62 33.14
C THR B 259 16.57 22.20 32.73
N VAL B 260 17.41 21.61 31.88
CA VAL B 260 17.15 20.27 31.36
C VAL B 260 17.05 19.20 32.46
N HIS B 261 18.05 19.12 33.33
CA HIS B 261 18.01 18.21 34.47
C HIS B 261 16.80 18.48 35.37
N ALA B 262 16.54 19.76 35.64
CA ALA B 262 15.43 20.14 36.51
C ALA B 262 14.12 19.75 35.85
N THR B 263 14.08 19.80 34.52
CA THR B 263 12.89 19.43 33.78
C THR B 263 12.62 17.92 33.87
N ALA B 264 13.67 17.13 33.68
CA ALA B 264 13.57 15.68 33.81
C ALA B 264 13.07 15.31 35.20
N ARG B 265 13.56 16.01 36.20
CA ARG B 265 13.17 15.79 37.60
C ARG B 265 11.71 16.18 37.83
N TYR B 266 11.33 17.37 37.35
CA TYR B 266 9.98 17.90 37.53
C TYR B 266 8.94 17.01 36.87
N ILE B 267 9.19 16.62 35.62
CA ILE B 267 8.26 15.77 34.89
C ILE B 267 8.12 14.41 35.57
N ALA B 268 9.23 13.86 36.05
CA ALA B 268 9.21 12.58 36.74
C ALA B 268 8.39 12.62 38.02
N ASP B 269 8.42 13.77 38.70
CA ASP B 269 7.83 13.89 40.04
C ASP B 269 6.41 14.43 40.08
N LEU B 270 5.91 14.87 38.92
CA LEU B 270 4.52 15.34 38.83
C LEU B 270 3.58 14.25 39.29
N PRO B 271 2.61 14.61 40.14
CA PRO B 271 1.65 13.63 40.67
C PRO B 271 0.85 13.00 39.54
N PHE B 272 0.56 11.70 39.67
CA PHE B 272 -0.38 11.06 38.77
C PHE B 272 -1.76 11.58 39.09
N ALA B 273 -2.62 11.65 38.07
CA ALA B 273 -3.92 12.29 38.20
C ALA B 273 -4.81 11.62 39.23
N ASP B 274 -4.61 10.33 39.48
CA ASP B 274 -5.44 9.61 40.44
C ASP B 274 -4.79 9.55 41.83
N GLY B 275 -3.64 10.21 41.98
CA GLY B 275 -3.00 10.32 43.27
C GLY B 275 -2.27 9.08 43.75
N LYS B 276 -2.36 7.99 43.00
CA LYS B 276 -1.66 6.76 43.37
C LYS B 276 -0.19 6.89 43.04
N LYS B 277 0.67 6.38 43.93
CA LYS B 277 2.11 6.45 43.72
C LYS B 277 2.55 5.39 42.71
N ARG B 278 3.14 5.86 41.62
CA ARG B 278 3.65 4.97 40.58
C ARG B 278 5.01 5.46 40.13
N LYS B 279 5.71 4.61 39.39
CA LYS B 279 6.98 4.95 38.81
C LYS B 279 6.76 5.53 37.42
N ARG B 280 6.99 6.83 37.26
CA ARG B 280 6.99 7.44 35.93
C ARG B 280 8.40 7.54 35.39
N LEU B 281 8.64 6.94 34.22
CA LEU B 281 9.96 6.99 33.61
C LEU B 281 10.07 8.19 32.67
N VAL B 282 11.18 8.92 32.77
CA VAL B 282 11.41 10.07 31.89
C VAL B 282 12.74 9.95 31.18
N ILE B 283 12.72 10.04 29.85
CA ILE B 283 13.92 9.92 29.04
C ILE B 283 14.11 11.15 28.18
N ILE B 284 15.23 11.84 28.35
CA ILE B 284 15.51 13.04 27.57
C ILE B 284 16.73 12.83 26.67
N THR B 285 16.53 12.82 25.36
CA THR B 285 17.63 12.64 24.43
C THR B 285 18.32 13.97 24.17
N ARG B 286 19.60 13.91 23.82
CA ARG B 286 20.40 15.12 23.63
C ARG B 286 21.36 14.96 22.45
N GLY B 287 20.81 14.60 21.30
CA GLY B 287 21.59 14.44 20.10
C GLY B 287 22.73 13.46 20.23
N LYS B 288 23.93 13.90 19.84
CA LYS B 288 25.14 13.08 19.92
C LYS B 288 25.58 12.89 21.36
N ASN B 289 25.12 13.77 22.24
CA ASN B 289 25.56 13.75 23.63
C ASN B 289 24.74 12.75 24.45
N PRO B 290 25.29 12.26 25.58
CA PRO B 290 24.57 11.26 26.37
C PRO B 290 23.16 11.69 26.74
N LEU B 291 22.21 10.79 26.61
CA LEU B 291 20.84 11.08 27.02
C LEU B 291 20.74 11.01 28.54
N LEU B 292 19.67 11.58 29.08
CA LEU B 292 19.41 11.56 30.50
C LEU B 292 18.18 10.70 30.73
N TYR B 293 18.14 10.00 31.87
CA TYR B 293 16.91 9.31 32.25
C TYR B 293 16.76 9.25 33.77
N THR B 294 15.51 9.23 34.22
CA THR B 294 15.22 9.13 35.63
C THR B 294 13.79 8.64 35.82
N ASP B 295 13.40 8.43 37.07
CA ASP B 295 12.02 8.09 37.38
C ASP B 295 11.63 8.65 38.74
N SER B 296 10.32 8.70 39.00
CA SER B 296 9.77 9.34 40.19
C SER B 296 10.33 8.83 41.52
N SER B 297 10.88 7.63 41.51
CA SER B 297 11.44 7.05 42.73
C SER B 297 12.95 7.20 42.81
N ASP B 298 13.56 7.73 41.76
CA ASP B 298 15.01 7.85 41.69
C ASP B 298 15.46 9.26 42.01
N SER B 299 16.34 9.39 42.99
CA SER B 299 16.81 10.71 43.40
C SER B 299 17.87 11.26 42.44
N GLU B 300 18.44 10.39 41.63
CA GLU B 300 19.51 10.79 40.73
C GLU B 300 19.08 10.72 39.28
N ILE B 301 19.71 11.56 38.45
CA ILE B 301 19.44 11.57 37.03
C ILE B 301 20.63 10.93 36.33
N HIS B 302 20.38 9.87 35.58
CA HIS B 302 21.45 9.08 34.99
C HIS B 302 21.77 9.53 33.58
N GLN B 303 23.02 9.33 33.19
CA GLN B 303 23.45 9.55 31.83
C GLN B 303 23.66 8.22 31.11
N PHE B 304 23.55 8.26 29.78
CA PHE B 304 23.69 7.07 28.96
C PHE B 304 24.38 7.48 27.68
N MET B 305 25.62 7.04 27.53
CA MET B 305 26.42 7.38 26.37
C MET B 305 25.79 6.81 25.09
N VAL B 306 25.86 7.58 24.02
CA VAL B 306 25.22 7.23 22.75
C VAL B 306 26.25 7.04 21.65
N GLU B 307 26.10 5.98 20.85
CA GLU B 307 27.02 5.72 19.74
C GLU B 307 27.02 6.85 18.71
N GLN B 308 28.18 7.14 18.15
CA GLN B 308 28.30 8.20 17.14
C GLN B 308 28.14 7.65 15.72
N PHE B 309 27.80 8.53 14.79
CA PHE B 309 27.53 8.12 13.41
C PHE B 309 28.36 8.92 12.40
N ILE B 314 22.59 12.24 14.43
CA ILE B 314 22.03 12.37 15.77
C ILE B 314 20.73 11.55 15.92
N ILE B 315 20.53 10.97 17.10
CA ILE B 315 19.37 10.13 17.34
C ILE B 315 18.12 10.91 17.76
N ASP B 316 18.11 12.21 17.52
CA ASP B 316 17.00 13.07 17.95
C ASP B 316 16.15 13.59 16.80
N THR B 317 16.68 13.57 15.58
CA THR B 317 16.04 14.23 14.45
C THR B 317 15.86 13.34 13.21
N ASN B 318 15.09 13.84 12.25
CA ASN B 318 14.79 13.13 11.00
C ASN B 318 14.02 11.85 11.23
N GLY B 319 13.21 11.83 12.28
CA GLY B 319 12.44 10.64 12.61
C GLY B 319 13.18 9.66 13.49
N ALA B 320 14.43 9.97 13.81
CA ALA B 320 15.22 9.09 14.67
C ALA B 320 14.65 9.04 16.08
N GLY B 321 14.10 10.17 16.53
CA GLY B 321 13.41 10.25 17.79
C GLY B 321 12.23 9.29 17.86
N ASP B 322 11.46 9.21 16.78
CA ASP B 322 10.32 8.30 16.71
C ASP B 322 10.78 6.85 16.75
N ALA B 323 11.92 6.59 16.10
CA ALA B 323 12.52 5.28 16.10
C ALA B 323 13.10 4.93 17.47
N PHE B 324 13.58 5.94 18.19
CA PHE B 324 14.14 5.73 19.53
C PHE B 324 13.03 5.26 20.47
N ALA B 325 11.90 5.96 20.45
CA ALA B 325 10.75 5.57 21.24
C ALA B 325 10.31 4.14 20.91
N ALA B 326 10.21 3.84 19.62
CA ALA B 326 9.83 2.51 19.15
C ALA B 326 10.76 1.43 19.68
N GLY B 327 12.07 1.64 19.53
CA GLY B 327 13.05 0.66 19.95
C GLY B 327 13.05 0.43 21.44
N PHE B 328 12.87 1.50 22.21
CA PHE B 328 12.78 1.37 23.65
C PHE B 328 11.53 0.58 24.03
N ILE B 329 10.38 1.06 23.63
CA ILE B 329 9.11 0.43 23.98
C ILE B 329 9.05 -1.05 23.60
N ALA B 330 9.48 -1.37 22.38
CA ALA B 330 9.38 -2.75 21.89
C ALA B 330 10.11 -3.74 22.80
N ASP B 331 11.24 -3.32 23.35
CA ASP B 331 12.02 -4.16 24.25
C ASP B 331 11.50 -4.11 25.69
N TYR B 332 11.05 -2.94 26.11
CA TYR B 332 10.68 -2.73 27.51
C TYR B 332 9.38 -3.45 27.85
N ILE B 333 8.45 -3.48 26.89
CA ILE B 333 7.18 -4.17 27.10
C ILE B 333 7.35 -5.67 26.94
N ARG B 334 8.51 -6.08 26.45
CA ARG B 334 8.83 -7.50 26.35
C ARG B 334 9.71 -7.96 27.51
N GLY B 335 9.88 -7.08 28.50
CA GLY B 335 10.51 -7.45 29.77
C GLY B 335 11.96 -7.05 29.93
N LYS B 336 12.55 -6.42 28.93
CA LYS B 336 13.95 -6.06 29.00
C LYS B 336 14.17 -4.94 30.02
N PRO B 337 15.29 -5.00 30.75
CA PRO B 337 15.55 -3.94 31.73
C PRO B 337 15.84 -2.60 31.04
N MET B 338 15.78 -1.54 31.82
CA MET B 338 16.00 -0.16 31.38
C MET B 338 17.18 0.05 30.44
N ILE B 339 18.37 -0.35 30.88
CA ILE B 339 19.58 -0.10 30.12
C ILE B 339 19.55 -0.86 28.80
N THR B 340 19.12 -2.12 28.86
CA THR B 340 19.02 -2.96 27.68
C THR B 340 18.06 -2.35 26.65
N SER B 341 16.94 -1.81 27.14
CA SER B 341 15.96 -1.16 26.29
C SER B 341 16.55 0.10 25.65
N LEU B 342 17.34 0.84 26.42
CA LEU B 342 18.00 2.03 25.91
C LEU B 342 18.95 1.70 24.75
N HIS B 343 19.63 0.57 24.83
CA HIS B 343 20.47 0.11 23.73
C HIS B 343 19.62 -0.25 22.51
N ALA B 344 18.48 -0.88 22.76
CA ALA B 344 17.53 -1.22 21.71
C ALA B 344 16.96 0.05 21.07
N ALA B 345 16.79 1.10 21.88
CA ALA B 345 16.26 2.36 21.40
C ALA B 345 17.26 3.03 20.46
N VAL B 346 18.52 3.05 20.88
CA VAL B 346 19.60 3.62 20.07
C VAL B 346 19.79 2.82 18.79
N LYS B 347 19.65 1.50 18.89
CA LYS B 347 19.76 0.64 17.72
C LYS B 347 18.73 0.98 16.65
N ALA B 348 17.50 1.25 17.08
CA ALA B 348 16.41 1.61 16.17
C ALA B 348 16.65 2.96 15.50
N ALA B 349 17.05 3.94 16.29
CA ALA B 349 17.41 5.24 15.76
C ALA B 349 18.57 5.14 14.76
N ALA B 350 19.54 4.29 15.06
CA ALA B 350 20.69 4.09 14.18
C ALA B 350 20.28 3.50 12.84
N TYR B 351 19.25 2.66 12.85
CA TYR B 351 18.74 2.05 11.62
C TYR B 351 18.08 3.08 10.74
N ILE B 352 17.22 3.89 11.34
CA ILE B 352 16.48 4.94 10.62
C ILE B 352 17.41 6.02 10.07
N ILE B 353 18.46 6.33 10.84
CA ILE B 353 19.46 7.29 10.42
C ILE B 353 20.12 6.90 9.10
N CYS B 354 20.42 5.61 8.96
CA CYS B 354 21.10 5.10 7.76
C CYS B 354 20.14 4.92 6.58
N ARG B 355 18.94 5.48 6.68
CA ARG B 355 17.93 5.34 5.63
C ARG B 355 17.26 6.67 5.33
N SER B 356 16.84 6.85 4.07
CA SER B 356 16.17 8.07 3.65
C SER B 356 14.72 8.11 4.14
N GLY B 357 14.44 9.08 5.01
CA GLY B 357 13.12 9.20 5.60
C GLY B 357 12.88 8.17 6.68
N PHE B 358 11.62 7.89 6.95
CA PHE B 358 11.25 6.85 7.89
C PHE B 358 10.70 5.65 7.13
N SER B 359 11.59 4.94 6.46
CA SER B 359 11.22 3.73 5.74
C SER B 359 11.79 2.52 6.45
N LEU B 360 11.01 1.46 6.53
CA LEU B 360 11.47 0.21 7.11
C LEU B 360 11.73 -0.81 6.01
N GLY B 361 12.97 -1.26 5.89
CA GLY B 361 13.35 -2.24 4.88
C GLY B 361 12.98 -3.65 5.30
N SER B 362 13.64 -4.63 4.70
CA SER B 362 13.42 -6.02 5.07
C SER B 362 13.81 -6.21 6.53
N ARG B 363 12.99 -6.97 7.25
CA ARG B 363 13.17 -7.16 8.68
C ARG B 363 14.50 -7.84 9.01
N ASP B 364 14.91 -8.74 8.12
CA ASP B 364 16.15 -9.49 8.31
C ASP B 364 17.37 -8.59 8.26
N SER B 365 17.22 -7.41 7.67
CA SER B 365 18.33 -6.47 7.55
C SER B 365 18.64 -5.78 8.88
N TYR B 366 17.74 -5.93 9.85
CA TYR B 366 17.88 -5.27 11.15
C TYR B 366 19.10 -5.81 11.90
N SER B 367 19.47 -7.06 11.61
CA SER B 367 20.65 -7.71 12.20
C SER B 367 20.62 -7.68 13.72
O5' TBN C . -10.17 -7.15 -15.41
C5' TBN C . -10.34 -5.83 -14.90
C4' TBN C . -9.03 -5.10 -14.83
O4' TBN C . -8.58 -4.80 -16.16
C1' TBN C . -7.64 -3.77 -16.08
N9 TBN C . -7.51 -3.14 -17.39
C8 TBN C . -8.41 -2.40 -18.05
C7 TBN C . -7.83 -1.99 -19.25
C5 TBN C . -6.55 -2.51 -19.28
C6 TBN C . -5.44 -2.44 -20.23
N1 TBN C . -4.31 -3.07 -19.95
C2 TBN C . -4.16 -3.74 -18.82
N3 TBN C . -5.22 -3.82 -17.87
C4 TBN C . -6.37 -3.22 -18.10
N6 TBN C . -5.60 -1.69 -21.51
C2' TBN C . -8.17 -2.83 -14.99
O2' TBN C . -7.12 -2.19 -14.30
C3' TBN C . -9.05 -3.75 -14.11
O3' TBN C . -8.45 -3.90 -12.81
CL CL D . -1.78 -6.23 -18.49
O5' TBN E . -15.74 -14.04 -15.95
C5' TBN E . -14.96 -15.14 -15.49
C4' TBN E . -15.65 -15.90 -14.39
O4' TBN E . -16.32 -14.96 -13.52
C1' TBN E . -17.47 -15.57 -12.95
N9 TBN E . -18.63 -14.68 -13.13
C8 TBN E . -18.68 -13.53 -13.80
C7 TBN E . -19.98 -13.02 -13.69
C5 TBN E . -20.70 -13.91 -12.90
C6 TBN E . -22.08 -13.96 -12.42
N1 TBN E . -22.46 -14.98 -11.67
C2 TBN E . -21.63 -15.96 -11.35
N3 TBN E . -20.26 -15.94 -11.81
C4 TBN E . -19.83 -14.94 -12.56
N6 TBN E . -23.02 -12.86 -12.78
C2' TBN E . -17.62 -16.96 -13.59
O2' TBN E . -17.26 -17.99 -12.70
C3' TBN E . -16.73 -16.86 -14.84
O3' TBN E . -16.15 -18.14 -15.11
O5' TBN F . 10.04 12.77 13.26
C5' TBN F . 9.72 13.15 11.92
C4' TBN F . 8.29 12.84 11.59
O4' TBN F . 7.43 13.79 12.24
C1' TBN F . 6.23 13.86 11.52
N9 TBN F . 5.54 15.09 11.88
C8 TBN F . 5.92 16.35 11.60
C7 TBN F . 4.95 17.22 12.12
C5 TBN F . 3.98 16.43 12.72
C6 TBN F . 2.73 16.72 13.43
N1 TBN F . 2.00 15.70 13.90
C2 TBN F . 2.40 14.46 13.73
N3 TBN F . 3.61 14.14 13.04
C4 TBN F . 4.37 15.12 12.55
N6 TBN F . 2.29 18.13 13.62
C2' TBN F . 6.66 13.77 10.05
O2' TBN F . 5.61 13.26 9.25
C3' TBN F . 7.92 12.88 10.11
O3' TBN F . 7.61 11.57 9.66
CL CL G . 1.15 11.87 15.60
#